data_6SS7
#
_entry.id   6SS7
#
_cell.length_a   117.560
_cell.length_b   169.250
_cell.length_c   49.070
_cell.angle_alpha   90.000
_cell.angle_beta   90.000
_cell.angle_gamma   90.000
#
_symmetry.space_group_name_H-M   'P 21 21 2'
#
loop_
_entity.id
_entity.type
_entity.pdbx_description
1 polymer 'HLA class I histocompatibility antigen, A-2 alpha chain'
2 polymer Beta-2-microglobulin
3 polymer LEU-LEU-TRP-ALA-GLY-PRO-MET-ALA-VAL
4 non-polymer 'SODIUM ION'
5 non-polymer 1,2-ETHANEDIOL
6 non-polymer 'SULFATE ION'
7 non-polymer GLYCEROL
8 water water
#
loop_
_entity_poly.entity_id
_entity_poly.type
_entity_poly.pdbx_seq_one_letter_code
_entity_poly.pdbx_strand_id
1 'polypeptide(L)'
;GSHSMRYFFTSVSRPGRGEPRFIAVGYVDDTQFVRFDSDAASQRMEPRAPWIEQEGPEYWDGETRKVKAHSQTHRVDLGT
LRGYYNQSEAGSHTVQRMYGCDVGSDWRFLRGYHQYAYDGKDYIALKEDLRSWTAADMAAQTTKHKWEAAHVAEQLRAYL
EGTCVEWLRRYLENGKETLQRTDAPKTHMTHHAVSDHEATLRCWALSFYPAEITLTWQRDGEDQTQDTELVETRPAGDGT
FQKWAAVVVPSGQEQRYTCHVQHEGLPKPLTLRWEP
;
A,D
2 'polypeptide(L)'
;MIQRTPKIQVYSRHPAENGKSNFLNCYVSGFHPSDIEVDLLKNGERIEKVEHSDLSFSKDWSFYLLYYTEFTPTEKDEYA
CRVNHVTLSQPKIVKWDRDM
;
B,E
3 'polypeptide(L)' LLWAGPMAV C,F
#
loop_
_chem_comp.id
_chem_comp.type
_chem_comp.name
_chem_comp.formula
EDO non-polymer 1,2-ETHANEDIOL 'C2 H6 O2'
GOL non-polymer GLYCEROL 'C3 H8 O3'
NA non-polymer 'SODIUM ION' 'Na 1'
SO4 non-polymer 'SULFATE ION' 'O4 S -2'
#
# COMPACT_ATOMS: atom_id res chain seq x y z
N GLY A 1 -0.66 0.51 40.64
CA GLY A 1 0.62 1.22 40.36
C GLY A 1 0.46 2.25 39.26
N SER A 2 1.59 2.54 38.61
CA SER A 2 1.68 3.51 37.50
C SER A 2 0.93 3.07 36.25
N HIS A 3 0.31 4.03 35.55
CA HIS A 3 -0.33 3.70 34.26
C HIS A 3 0.16 4.59 33.17
N SER A 4 -0.17 4.23 31.94
CA SER A 4 0.18 5.08 30.81
C SER A 4 -0.80 4.95 29.65
N MET A 5 -0.86 6.00 28.85
CA MET A 5 -1.45 5.91 27.53
C MET A 5 -0.47 6.36 26.48
N ARG A 6 -0.42 5.61 25.38
CA ARG A 6 0.57 5.83 24.36
C ARG A 6 -0.04 5.66 22.97
N TYR A 7 0.29 6.53 22.02
CA TYR A 7 -0.09 6.34 20.64
C TYR A 7 1.18 6.22 19.82
N PHE A 8 1.19 5.26 18.88
CA PHE A 8 2.33 5.04 17.98
C PHE A 8 1.80 5.18 16.57
N PHE A 9 2.62 5.78 15.69
CA PHE A 9 2.23 6.11 14.29
C PHE A 9 3.44 5.76 13.42
N THR A 10 3.21 4.90 12.40
CA THR A 10 4.17 4.60 11.34
C THR A 10 3.73 5.02 9.94
N SER A 11 4.56 5.76 9.25
CA SER A 11 4.21 6.21 7.90
C SER A 11 5.34 5.68 7.02
N VAL A 12 5.02 4.95 5.95
CA VAL A 12 6.04 4.39 5.06
C VAL A 12 5.71 4.81 3.66
N SER A 13 6.65 5.43 2.95
CA SER A 13 6.46 5.85 1.57
C SER A 13 6.64 4.68 0.62
N ARG A 14 5.98 4.77 -0.53
CA ARG A 14 5.89 3.71 -1.50
C ARG A 14 6.28 4.31 -2.88
N PRO A 15 7.57 4.37 -3.14
CA PRO A 15 8.12 4.71 -4.47
C PRO A 15 7.40 4.05 -5.64
N GLY A 16 6.86 4.86 -6.55
CA GLY A 16 6.20 4.39 -7.71
C GLY A 16 4.83 3.81 -7.44
N ARG A 17 4.43 3.72 -6.17
CA ARG A 17 3.25 2.97 -5.78
C ARG A 17 2.25 3.84 -4.97
N GLY A 18 2.21 5.12 -5.24
CA GLY A 18 1.13 5.99 -4.79
C GLY A 18 1.22 6.41 -3.35
N GLU A 19 0.09 6.37 -2.65
CA GLU A 19 -0.05 6.90 -1.30
C GLU A 19 0.67 6.03 -0.27
N PRO A 20 1.20 6.64 0.77
CA PRO A 20 2.09 5.91 1.73
C PRO A 20 1.28 5.08 2.70
N ARG A 21 1.89 4.06 3.28
CA ARG A 21 1.19 3.20 4.26
C ARG A 21 1.09 4.04 5.50
N PHE A 22 0.01 3.92 6.26
CA PHE A 22 -0.06 4.66 7.49
C PHE A 22 -0.79 3.87 8.51
N ILE A 23 -0.17 3.73 9.66
CA ILE A 23 -0.74 2.88 10.68
C ILE A 23 -0.65 3.59 12.00
N ALA A 24 -1.70 3.45 12.78
CA ALA A 24 -1.72 4.03 14.08
C ALA A 24 -2.39 3.10 15.09
N VAL A 25 -1.87 3.11 16.30
CA VAL A 25 -2.42 2.30 17.34
C VAL A 25 -2.31 3.02 18.67
N GLY A 26 -3.35 2.87 19.47
CA GLY A 26 -3.44 3.38 20.84
C GLY A 26 -3.32 2.27 21.87
N TYR A 27 -2.58 2.52 22.96
CA TYR A 27 -2.46 1.61 24.11
C TYR A 27 -2.68 2.32 25.41
N VAL A 28 -3.33 1.65 26.32
CA VAL A 28 -3.30 1.94 27.75
C VAL A 28 -2.47 0.77 28.33
N ASP A 29 -1.38 1.10 29.04
CA ASP A 29 -0.38 0.16 29.50
C ASP A 29 0.08 -0.76 28.34
N ASP A 30 -0.01 -2.08 28.45
CA ASP A 30 0.34 -3.01 27.38
C ASP A 30 -0.91 -3.57 26.65
N THR A 31 -1.97 -2.76 26.54
CA THR A 31 -3.28 -3.21 25.99
C THR A 31 -3.68 -2.28 24.85
N GLN A 32 -3.86 -2.87 23.70
CA GLN A 32 -4.18 -2.14 22.53
C GLN A 32 -5.67 -1.82 22.58
N PHE A 33 -6.06 -0.55 22.37
CA PHE A 33 -7.51 -0.23 22.35
C PHE A 33 -8.09 0.41 21.07
N VAL A 34 -7.25 0.96 20.19
CA VAL A 34 -7.75 1.57 18.95
C VAL A 34 -6.77 1.29 17.88
N ARG A 35 -7.27 1.28 16.64
CA ARG A 35 -6.38 1.38 15.49
C ARG A 35 -6.99 1.96 14.25
N PHE A 36 -6.07 2.50 13.45
CA PHE A 36 -6.37 2.89 12.10
C PHE A 36 -5.27 2.37 11.26
N ASP A 37 -5.56 1.46 10.36
CA ASP A 37 -4.65 1.07 9.24
C ASP A 37 -5.21 1.60 7.90
N SER A 38 -4.35 2.24 7.10
CA SER A 38 -4.69 2.78 5.76
C SER A 38 -5.10 1.74 4.72
N ASP A 39 -4.70 0.49 4.94
CA ASP A 39 -5.05 -0.62 4.07
C ASP A 39 -6.31 -1.39 4.48
N ALA A 40 -6.83 -1.12 5.67
CA ALA A 40 -8.00 -1.84 6.17
C ALA A 40 -9.28 -1.32 5.49
N ALA A 41 -10.33 -2.05 5.64
CA ALA A 41 -11.63 -1.77 5.00
C ALA A 41 -12.32 -0.46 5.41
N SER A 42 -12.40 -0.19 6.70
CA SER A 42 -13.26 0.87 7.26
C SER A 42 -12.79 2.32 6.92
N GLN A 43 -11.51 2.55 6.88
CA GLN A 43 -11.00 3.97 6.77
C GLN A 43 -11.55 4.86 7.89
N ARG A 44 -11.69 4.23 9.06
CA ARG A 44 -12.16 4.79 10.28
C ARG A 44 -11.22 4.33 11.41
N MET A 45 -11.33 4.98 12.56
CA MET A 45 -10.55 4.58 13.71
C MET A 45 -11.44 3.50 14.37
N GLU A 46 -10.89 2.32 14.65
CA GLU A 46 -11.66 1.12 15.01
C GLU A 46 -11.32 0.69 16.44
N PRO A 47 -12.32 0.19 17.20
CA PRO A 47 -12.04 -0.32 18.54
C PRO A 47 -11.23 -1.60 18.45
N ARG A 48 -10.36 -1.81 19.43
CA ARG A 48 -9.64 -3.08 19.61
C ARG A 48 -9.81 -3.69 21.01
N ALA A 49 -10.21 -2.94 22.01
CA ALA A 49 -10.55 -3.52 23.30
C ALA A 49 -12.07 -3.49 23.49
N PRO A 50 -12.61 -4.34 24.39
CA PRO A 50 -14.06 -4.24 24.64
C PRO A 50 -14.58 -2.99 25.38
N TRP A 51 -13.72 -2.28 26.11
CA TRP A 51 -14.17 -1.19 27.01
C TRP A 51 -14.18 0.19 26.33
N ILE A 52 -13.67 0.25 25.10
CA ILE A 52 -13.74 1.43 24.25
C ILE A 52 -14.95 1.32 23.30
N GLU A 53 -15.44 0.12 23.06
CA GLU A 53 -16.66 -0.09 22.26
C GLU A 53 -17.89 0.68 22.77
N GLN A 54 -17.96 1.02 24.05
CA GLN A 54 -19.11 1.75 24.63
C GLN A 54 -19.06 3.29 24.46
N GLU A 55 -18.10 3.77 23.70
CA GLU A 55 -18.08 5.18 23.29
C GLU A 55 -18.98 5.35 22.06
N GLY A 56 -19.69 6.48 22.04
CA GLY A 56 -20.65 6.79 20.99
C GLY A 56 -20.09 7.26 19.66
N PRO A 57 -20.99 7.61 18.73
CA PRO A 57 -20.51 8.08 17.42
C PRO A 57 -19.67 9.36 17.48
N GLU A 58 -19.97 10.28 18.40
CA GLU A 58 -19.18 11.51 18.61
C GLU A 58 -17.67 11.27 18.79
N TYR A 59 -17.31 10.25 19.57
CA TYR A 59 -15.90 9.82 19.82
C TYR A 59 -15.30 9.23 18.55
N TRP A 60 -15.97 8.23 17.95
CA TRP A 60 -15.46 7.61 16.74
C TRP A 60 -15.28 8.61 15.57
N ASP A 61 -16.29 9.45 15.36
CA ASP A 61 -16.22 10.49 14.29
C ASP A 61 -15.03 11.46 14.49
N GLY A 62 -14.80 11.89 15.74
CA GLY A 62 -13.68 12.74 16.13
C GLY A 62 -12.31 12.07 16.03
N GLU A 63 -12.22 10.79 16.40
CA GLU A 63 -10.92 10.13 16.35
C GLU A 63 -10.57 9.81 14.92
N THR A 64 -11.55 9.39 14.15
CA THR A 64 -11.42 9.30 12.71
C THR A 64 -11.04 10.62 12.10
N ARG A 65 -11.73 11.69 12.46
CA ARG A 65 -11.33 12.99 11.90
C ARG A 65 -9.85 13.23 12.19
N LYS A 66 -9.43 13.02 13.43
CA LYS A 66 -8.07 13.38 13.87
C LYS A 66 -6.98 12.43 13.43
N VAL A 67 -7.27 11.13 13.33
CA VAL A 67 -6.26 10.25 12.78
C VAL A 67 -6.11 10.47 11.27
N LYS A 68 -7.17 10.85 10.55
CA LYS A 68 -6.95 11.27 9.14
C LYS A 68 -6.05 12.52 8.99
N ALA A 69 -6.08 13.39 10.01
CA ALA A 69 -5.25 14.58 10.06
C ALA A 69 -3.83 14.23 10.36
N HIS A 70 -3.63 13.29 11.27
CA HIS A 70 -2.32 12.73 11.54
C HIS A 70 -1.84 12.18 10.22
N SER A 71 -2.67 11.40 9.55
CA SER A 71 -2.25 10.78 8.25
C SER A 71 -1.81 11.79 7.20
N GLN A 72 -2.60 12.83 7.01
CA GLN A 72 -2.23 13.96 6.10
C GLN A 72 -0.92 14.67 6.47
N THR A 73 -0.66 14.78 7.76
CA THR A 73 0.54 15.41 8.24
C THR A 73 1.73 14.55 7.91
N HIS A 74 1.63 13.26 8.09
CA HIS A 74 2.72 12.38 7.75
C HIS A 74 2.90 12.24 6.25
N ARG A 75 1.83 12.29 5.49
CA ARG A 75 1.93 12.35 4.03
C ARG A 75 2.79 13.54 3.57
N VAL A 76 2.48 14.71 4.11
CA VAL A 76 3.26 15.94 3.88
C VAL A 76 4.72 15.80 4.36
N ASP A 77 4.94 15.30 5.58
CA ASP A 77 6.28 15.06 6.12
C ASP A 77 7.25 14.17 5.31
N LEU A 78 6.74 13.08 4.80
CA LEU A 78 7.53 12.21 3.92
C LEU A 78 8.14 12.96 2.74
N GLY A 79 7.36 13.86 2.12
CA GLY A 79 7.82 14.65 1.00
C GLY A 79 8.82 15.75 1.41
N THR A 80 8.55 16.41 2.55
CA THR A 80 9.38 17.43 3.06
C THR A 80 10.73 16.87 3.48
N LEU A 81 10.70 15.76 4.19
CA LEU A 81 11.89 15.16 4.67
C LEU A 81 12.70 14.63 3.52
N ARG A 82 12.04 14.14 2.46
CA ARG A 82 12.79 13.69 1.29
C ARG A 82 13.62 14.80 0.69
N GLY A 83 13.04 16.00 0.66
CA GLY A 83 13.73 17.19 0.24
C GLY A 83 14.79 17.71 1.21
N TYR A 84 14.47 17.73 2.50
CA TYR A 84 15.45 18.20 3.49
C TYR A 84 16.74 17.48 3.31
N TYR A 85 16.67 16.14 3.19
CA TYR A 85 17.89 15.33 2.97
C TYR A 85 18.27 15.07 1.48
N ASN A 86 17.56 15.65 0.53
CA ASN A 86 17.79 15.43 -0.89
C ASN A 86 17.91 14.00 -1.32
N GLN A 87 17.02 13.17 -0.78
CA GLN A 87 16.95 11.75 -1.16
C GLN A 87 16.09 11.61 -2.42
N SER A 88 16.58 10.74 -3.32
CA SER A 88 15.89 10.33 -4.54
C SER A 88 14.49 9.80 -4.25
N GLU A 89 13.69 9.68 -5.32
CA GLU A 89 12.30 9.16 -5.29
C GLU A 89 12.26 7.61 -5.31
N ALA A 90 13.41 6.99 -5.64
CA ALA A 90 13.56 5.54 -5.68
C ALA A 90 13.35 4.80 -4.33
N GLY A 91 13.70 5.39 -3.20
CA GLY A 91 13.69 4.65 -1.96
C GLY A 91 12.49 4.83 -1.09
N SER A 92 12.08 3.79 -0.38
CA SER A 92 11.04 3.89 0.64
C SER A 92 11.65 4.52 1.85
N HIS A 93 11.00 5.48 2.50
CA HIS A 93 11.46 5.97 3.82
C HIS A 93 10.38 5.92 4.86
N THR A 94 10.79 5.87 6.11
CA THR A 94 9.86 5.57 7.24
C THR A 94 9.88 6.71 8.20
N VAL A 95 8.73 7.12 8.67
CA VAL A 95 8.59 8.12 9.70
C VAL A 95 7.88 7.45 10.83
N GLN A 96 8.24 7.78 12.08
CA GLN A 96 7.57 7.15 13.25
C GLN A 96 7.22 8.22 14.29
N ARG A 97 6.07 8.12 14.96
CA ARG A 97 5.75 9.09 16.02
C ARG A 97 5.18 8.39 17.21
N MET A 98 5.58 8.83 18.38
CA MET A 98 5.12 8.23 19.63
C MET A 98 4.85 9.42 20.53
N TYR A 99 3.66 9.43 21.11
CA TYR A 99 3.39 10.31 22.20
C TYR A 99 2.46 9.76 23.24
N GLY A 100 2.44 10.39 24.40
CA GLY A 100 1.66 9.83 25.49
C GLY A 100 1.94 10.45 26.83
N CYS A 101 1.37 9.86 27.86
CA CYS A 101 1.52 10.38 29.22
C CYS A 101 1.55 9.27 30.26
N ASP A 102 2.30 9.51 31.33
CA ASP A 102 2.32 8.60 32.46
C ASP A 102 1.60 9.27 33.61
N VAL A 103 0.77 8.49 34.27
CA VAL A 103 0.20 8.86 35.55
C VAL A 103 0.79 7.92 36.57
N GLY A 104 0.80 8.36 37.81
CA GLY A 104 1.28 7.56 38.94
C GLY A 104 0.15 6.75 39.52
N SER A 105 0.38 6.26 40.73
CA SER A 105 -0.58 5.42 41.44
C SER A 105 -1.79 6.17 41.97
N ASP A 106 -1.71 7.48 42.02
CA ASP A 106 -2.86 8.34 42.35
C ASP A 106 -3.55 8.83 41.08
N TRP A 107 -3.12 8.31 39.91
CA TRP A 107 -3.63 8.68 38.58
C TRP A 107 -3.38 10.16 38.16
N ARG A 108 -2.55 10.87 38.92
CA ARG A 108 -2.17 12.21 38.52
C ARG A 108 -0.91 12.17 37.67
N PHE A 109 -0.68 13.29 36.98
CA PHE A 109 0.33 13.41 35.92
C PHE A 109 1.72 13.20 36.45
N LEU A 110 2.43 12.23 35.87
CA LEU A 110 3.83 11.98 36.18
C LEU A 110 4.78 12.51 35.08
N ARG A 111 4.56 12.13 33.83
CA ARG A 111 5.35 12.69 32.72
C ARG A 111 4.67 12.55 31.35
N GLY A 112 5.21 13.31 30.41
CA GLY A 112 4.63 13.43 29.08
C GLY A 112 5.70 13.35 28.08
N TYR A 113 5.42 12.84 26.87
CA TYR A 113 6.47 12.72 25.90
C TYR A 113 6.00 12.73 24.47
N HIS A 114 6.92 13.12 23.59
CA HIS A 114 6.67 13.18 22.18
C HIS A 114 7.98 13.12 21.42
N GLN A 115 8.21 11.99 20.73
CA GLN A 115 9.42 11.69 19.99
C GLN A 115 9.11 11.46 18.53
N TYR A 116 10.04 11.75 17.65
CA TYR A 116 9.73 11.57 16.21
C TYR A 116 10.95 11.10 15.48
N ALA A 117 10.76 10.10 14.64
CA ALA A 117 11.94 9.49 14.06
C ALA A 117 11.79 9.43 12.59
N TYR A 118 12.94 9.43 11.92
CA TYR A 118 13.06 9.26 10.49
C TYR A 118 14.11 8.19 10.19
N ASP A 119 13.69 7.25 9.36
CA ASP A 119 14.47 6.12 8.94
C ASP A 119 15.12 5.35 10.10
N GLY A 120 14.40 5.32 11.23
CA GLY A 120 14.75 4.47 12.38
C GLY A 120 15.68 5.04 13.39
N LYS A 121 15.70 6.35 13.46
CA LYS A 121 16.68 7.19 14.15
C LYS A 121 15.95 8.43 14.59
N ASP A 122 16.27 8.97 15.78
CA ASP A 122 15.74 10.21 16.28
C ASP A 122 15.86 11.34 15.33
N TYR A 123 14.75 12.09 15.18
CA TYR A 123 14.68 13.32 14.38
C TYR A 123 14.45 14.53 15.26
N ILE A 124 13.33 14.53 15.99
CA ILE A 124 13.06 15.59 16.95
C ILE A 124 12.30 15.07 18.20
N ALA A 125 12.62 15.58 19.38
CA ALA A 125 11.94 15.15 20.59
C ALA A 125 11.64 16.36 21.43
N LEU A 126 10.50 16.29 22.10
CA LEU A 126 10.17 17.22 23.16
C LEU A 126 11.02 16.85 24.35
N LYS A 127 11.56 17.84 25.03
CA LYS A 127 12.38 17.58 26.18
C LYS A 127 11.48 17.32 27.37
N GLU A 128 12.09 16.93 28.48
CA GLU A 128 11.36 16.48 29.69
C GLU A 128 10.37 17.55 30.21
N ASP A 129 10.81 18.79 30.17
CA ASP A 129 10.04 19.93 30.65
C ASP A 129 8.88 20.32 29.73
N LEU A 130 8.73 19.64 28.59
CA LEU A 130 7.57 19.83 27.72
C LEU A 130 7.52 21.24 27.14
N ARG A 131 8.67 21.90 27.08
CA ARG A 131 8.69 23.29 26.78
C ARG A 131 9.66 23.63 25.71
N SER A 132 10.44 22.66 25.20
CA SER A 132 11.43 22.90 24.16
C SER A 132 11.84 21.59 23.46
N TRP A 133 12.63 21.69 22.38
CA TRP A 133 12.89 20.57 21.49
C TRP A 133 14.37 20.21 21.48
N THR A 134 14.64 18.97 21.14
CA THR A 134 15.99 18.51 20.80
C THR A 134 15.94 17.98 19.38
N ALA A 135 16.87 18.53 18.57
CA ALA A 135 16.97 18.27 17.15
C ALA A 135 18.23 17.48 16.85
N ALA A 136 18.09 16.37 16.18
CA ALA A 136 19.23 15.47 15.92
C ALA A 136 20.29 16.04 15.03
N ASP A 137 19.92 16.91 14.12
CA ASP A 137 20.81 17.36 13.07
C ASP A 137 20.29 18.67 12.45
N MET A 138 21.01 19.15 11.44
CA MET A 138 20.79 20.45 10.82
C MET A 138 19.40 20.56 10.16
N ALA A 139 18.92 19.50 9.54
CA ALA A 139 17.60 19.50 8.93
C ALA A 139 16.53 19.66 9.98
N ALA A 140 16.66 18.89 11.07
CA ALA A 140 15.71 18.99 12.17
C ALA A 140 15.75 20.30 12.93
N GLN A 141 16.82 21.10 12.81
CA GLN A 141 16.77 22.46 13.36
C GLN A 141 15.77 23.33 12.61
N THR A 142 15.61 23.07 11.32
CA THR A 142 14.57 23.77 10.59
C THR A 142 13.21 23.52 11.19
N THR A 143 12.94 22.25 11.44
CA THR A 143 11.66 21.85 12.04
C THR A 143 11.47 22.51 13.41
N LYS A 144 12.50 22.43 14.23
CA LYS A 144 12.54 23.01 15.55
C LYS A 144 12.11 24.43 15.51
N HIS A 145 12.62 25.17 14.53
CA HIS A 145 12.30 26.61 14.34
C HIS A 145 10.87 26.89 13.86
N LYS A 146 10.37 26.07 12.93
CA LYS A 146 8.96 26.16 12.52
C LYS A 146 8.10 25.86 13.72
N TRP A 147 8.42 24.82 14.47
CA TRP A 147 7.58 24.43 15.62
C TRP A 147 7.68 25.37 16.79
N GLU A 148 8.73 26.18 16.84
CA GLU A 148 8.88 27.25 17.83
C GLU A 148 8.02 28.46 17.42
N ALA A 149 8.28 28.98 16.22
CA ALA A 149 7.45 29.97 15.57
C ALA A 149 5.92 29.66 15.79
N ALA A 150 5.45 28.48 15.50
CA ALA A 150 4.03 28.20 15.69
C ALA A 150 3.63 27.79 17.14
N HIS A 151 4.55 27.85 18.11
CA HIS A 151 4.22 27.60 19.51
C HIS A 151 3.48 26.26 19.75
N VAL A 152 3.94 25.23 19.03
CA VAL A 152 3.48 23.86 19.12
C VAL A 152 3.70 23.18 20.49
N ALA A 153 4.72 23.56 21.24
CA ALA A 153 5.01 22.87 22.48
C ALA A 153 3.93 23.25 23.46
N GLU A 154 3.51 24.53 23.50
CA GLU A 154 2.44 24.94 24.42
C GLU A 154 1.17 24.10 24.18
N GLN A 155 0.76 24.00 22.93
CA GLN A 155 -0.45 23.22 22.61
C GLN A 155 -0.28 21.71 22.80
N LEU A 156 0.90 21.17 22.47
CA LEU A 156 1.17 19.77 22.81
C LEU A 156 1.20 19.53 24.35
N ARG A 157 1.81 20.44 25.08
CA ARG A 157 1.96 20.28 26.51
C ARG A 157 0.62 20.21 27.26
N ALA A 158 -0.31 21.06 26.81
CA ALA A 158 -1.70 21.14 27.30
C ALA A 158 -2.42 19.81 27.18
N TYR A 159 -2.31 19.25 25.96
CA TYR A 159 -2.71 17.87 25.71
C TYR A 159 -2.09 16.87 26.70
N LEU A 160 -0.77 16.77 26.73
CA LEU A 160 -0.09 15.80 27.59
C LEU A 160 -0.41 16.02 29.07
N GLU A 161 -0.38 17.27 29.53
CA GLU A 161 -0.62 17.57 30.94
C GLU A 161 -2.09 17.56 31.38
N GLY A 162 -3.00 17.72 30.43
CA GLY A 162 -4.44 17.76 30.70
C GLY A 162 -5.19 16.67 29.97
N THR A 163 -5.55 16.90 28.69
CA THR A 163 -6.40 16.00 27.91
C THR A 163 -5.90 14.58 27.96
N CYS A 164 -4.59 14.37 27.88
CA CYS A 164 -4.07 13.03 27.80
C CYS A 164 -4.42 12.30 29.11
N VAL A 165 -4.21 12.95 30.28
CA VAL A 165 -4.42 12.23 31.56
C VAL A 165 -5.90 12.13 31.91
N GLU A 166 -6.70 13.05 31.43
CA GLU A 166 -8.14 13.02 31.73
C GLU A 166 -8.73 11.79 31.06
N TRP A 167 -8.37 11.57 29.82
CA TRP A 167 -8.94 10.45 29.05
C TRP A 167 -8.34 9.14 29.52
N LEU A 168 -7.05 9.12 29.87
CA LEU A 168 -6.48 7.90 30.44
C LEU A 168 -7.23 7.46 31.73
N ARG A 169 -7.58 8.41 32.59
CA ARG A 169 -8.37 8.10 33.78
C ARG A 169 -9.73 7.55 33.42
N ARG A 170 -10.38 8.21 32.46
CA ARG A 170 -11.64 7.75 31.96
C ARG A 170 -11.50 6.27 31.53
N TYR A 171 -10.59 6.00 30.60
CA TYR A 171 -10.36 4.63 30.15
C TYR A 171 -10.03 3.65 31.31
N LEU A 172 -9.24 4.08 32.28
CA LEU A 172 -8.96 3.17 33.44
C LEU A 172 -10.20 2.85 34.25
N GLU A 173 -11.02 3.84 34.52
CA GLU A 173 -12.30 3.63 35.20
C GLU A 173 -13.32 2.82 34.40
N ASN A 174 -13.42 3.09 33.10
CA ASN A 174 -14.36 2.36 32.24
C ASN A 174 -13.94 0.92 32.09
N GLY A 175 -12.68 0.69 31.77
CA GLY A 175 -12.14 -0.68 31.61
C GLY A 175 -11.57 -1.27 32.90
N LYS A 176 -12.00 -0.81 34.08
CA LYS A 176 -11.37 -1.26 35.34
C LYS A 176 -11.20 -2.74 35.48
N GLU A 177 -12.17 -3.52 35.00
CA GLU A 177 -12.11 -4.97 35.27
C GLU A 177 -11.03 -5.66 34.40
N THR A 178 -10.51 -5.02 33.35
CA THR A 178 -9.40 -5.58 32.59
C THR A 178 -8.13 -4.73 32.60
N LEU A 179 -8.22 -3.43 32.90
CA LEU A 179 -7.02 -2.61 32.81
C LEU A 179 -6.29 -2.42 34.12
N GLN A 180 -6.98 -2.52 35.24
CA GLN A 180 -6.35 -2.26 36.52
C GLN A 180 -5.66 -3.50 37.08
N ARG A 181 -5.95 -4.70 36.57
CA ARG A 181 -5.43 -5.96 37.05
C ARG A 181 -3.94 -6.05 36.81
N THR A 182 -3.23 -6.58 37.80
CA THR A 182 -1.88 -7.09 37.61
C THR A 182 -2.05 -8.60 37.80
N ASP A 183 -1.65 -9.39 36.80
CA ASP A 183 -1.66 -10.86 36.93
C ASP A 183 -0.27 -11.31 37.28
N ALA A 184 -0.14 -11.91 38.46
CA ALA A 184 1.12 -12.45 38.88
C ALA A 184 1.55 -13.51 37.87
N PRO A 185 2.84 -13.54 37.53
CA PRO A 185 3.32 -14.66 36.75
C PRO A 185 3.09 -16.02 37.47
N LYS A 186 2.65 -17.00 36.68
CA LYS A 186 2.72 -18.43 36.97
C LYS A 186 4.14 -18.94 36.63
N THR A 187 4.83 -19.32 37.68
CA THR A 187 6.19 -19.74 37.62
C THR A 187 6.26 -21.26 37.75
N HIS A 188 7.19 -21.83 36.99
CA HIS A 188 7.67 -23.20 37.26
C HIS A 188 9.09 -23.35 36.74
N MET A 189 9.73 -24.46 37.10
CA MET A 189 11.11 -24.72 36.74
C MET A 189 11.16 -26.10 36.11
N THR A 190 11.92 -26.25 35.02
CA THR A 190 12.19 -27.56 34.46
C THR A 190 13.64 -27.91 34.67
N HIS A 191 13.87 -29.21 34.65
CA HIS A 191 15.17 -29.83 34.81
C HIS A 191 15.44 -30.89 33.71
N HIS A 192 16.56 -30.75 32.99
CA HIS A 192 16.94 -31.65 31.95
C HIS A 192 18.44 -31.90 31.95
N ALA A 193 18.85 -33.12 32.29
CA ALA A 193 20.22 -33.53 32.13
C ALA A 193 20.71 -33.30 30.72
N VAL A 194 21.95 -32.80 30.56
CA VAL A 194 22.65 -32.85 29.24
C VAL A 194 23.54 -34.08 29.16
N SER A 195 24.43 -34.24 30.15
CA SER A 195 25.32 -35.38 30.29
C SER A 195 25.27 -35.86 31.75
N ASP A 196 26.12 -36.83 32.13
CA ASP A 196 26.37 -37.10 33.59
C ASP A 196 27.03 -35.95 34.36
N HIS A 197 27.53 -34.90 33.67
CA HIS A 197 28.20 -33.77 34.35
C HIS A 197 27.51 -32.38 34.31
N GLU A 198 26.57 -32.15 33.40
CA GLU A 198 25.93 -30.83 33.24
C GLU A 198 24.42 -31.03 33.07
N ALA A 199 23.65 -30.02 33.49
CA ALA A 199 22.18 -30.09 33.42
C ALA A 199 21.64 -28.72 33.25
N THR A 200 20.50 -28.64 32.60
CA THR A 200 19.81 -27.38 32.31
C THR A 200 18.69 -27.15 33.32
N LEU A 201 18.65 -25.94 33.86
CA LEU A 201 17.53 -25.48 34.66
C LEU A 201 16.90 -24.36 33.86
N ARG A 202 15.59 -24.43 33.67
CA ARG A 202 14.85 -23.36 33.03
C ARG A 202 13.77 -22.87 33.93
N CYS A 203 13.72 -21.56 34.06
CA CYS A 203 12.77 -20.86 34.89
C CYS A 203 11.71 -20.25 34.00
N TRP A 204 10.43 -20.56 34.22
CA TRP A 204 9.37 -20.04 33.39
C TRP A 204 8.50 -19.04 34.10
N ALA A 205 8.16 -17.94 33.43
CA ALA A 205 7.10 -17.03 33.83
C ALA A 205 6.00 -17.07 32.77
N LEU A 206 4.77 -17.41 33.14
CA LEU A 206 3.66 -17.44 32.17
C LEU A 206 2.42 -16.64 32.69
N SER A 207 1.59 -16.17 31.77
CA SER A 207 0.29 -15.52 32.10
C SER A 207 0.37 -14.21 32.87
N PHE A 208 1.42 -13.43 32.68
CA PHE A 208 1.57 -12.22 33.50
C PHE A 208 1.18 -10.96 32.76
N TYR A 209 0.79 -9.95 33.54
CA TYR A 209 0.39 -8.63 33.00
C TYR A 209 0.62 -7.58 34.07
N PRO A 210 1.36 -6.49 33.83
CA PRO A 210 1.88 -6.06 32.51
C PRO A 210 3.15 -6.85 32.09
N ALA A 211 3.71 -6.50 30.93
CA ALA A 211 4.89 -7.18 30.40
C ALA A 211 6.22 -7.02 31.18
N GLU A 212 6.30 -6.00 32.02
CA GLU A 212 7.50 -5.72 32.79
C GLU A 212 7.76 -6.88 33.76
N ILE A 213 8.87 -7.57 33.55
CA ILE A 213 9.29 -8.65 34.42
C ILE A 213 10.81 -8.72 34.44
N THR A 214 11.33 -9.22 35.56
CA THR A 214 12.75 -9.48 35.70
C THR A 214 12.96 -10.91 36.18
N LEU A 215 13.76 -11.65 35.41
CA LEU A 215 14.05 -13.05 35.63
C LEU A 215 15.54 -13.13 35.64
N THR A 216 16.11 -13.34 36.81
CA THR A 216 17.58 -13.47 36.95
C THR A 216 17.94 -14.76 37.69
N TRP A 217 19.02 -15.42 37.26
CA TRP A 217 19.56 -16.61 37.93
C TRP A 217 20.67 -16.19 38.90
N GLN A 218 20.70 -16.78 40.09
CA GLN A 218 21.72 -16.48 41.06
C GLN A 218 22.41 -17.76 41.50
N ARG A 219 23.67 -17.66 41.90
CA ARG A 219 24.46 -18.83 42.32
C ARG A 219 25.04 -18.50 43.68
N ASP A 220 24.65 -19.23 44.72
CA ASP A 220 25.11 -18.91 46.11
C ASP A 220 24.78 -17.45 46.49
N GLY A 221 23.61 -16.96 46.09
CA GLY A 221 23.24 -15.56 46.28
C GLY A 221 23.78 -14.52 45.28
N GLU A 222 24.83 -14.86 44.49
CA GLU A 222 25.50 -13.89 43.61
C GLU A 222 24.86 -13.85 42.21
N ASP A 223 24.79 -12.65 41.59
CA ASP A 223 24.37 -12.47 40.17
C ASP A 223 25.08 -13.51 39.32
N GLN A 224 24.48 -13.86 38.19
CA GLN A 224 24.97 -14.98 37.39
C GLN A 224 24.47 -14.92 35.93
N THR A 225 25.08 -14.06 35.13
CA THR A 225 24.81 -13.98 33.68
C THR A 225 25.59 -15.07 32.93
N GLN A 226 26.87 -15.25 33.29
CA GLN A 226 27.68 -16.34 32.71
C GLN A 226 26.87 -17.64 32.68
N ASP A 227 26.76 -18.27 31.50
CA ASP A 227 25.97 -19.53 31.25
C ASP A 227 24.44 -19.31 31.06
N THR A 228 23.91 -18.10 31.30
CA THR A 228 22.45 -17.82 31.25
C THR A 228 21.90 -17.47 29.85
N GLU A 229 21.07 -18.36 29.30
CA GLU A 229 20.28 -18.09 28.09
C GLU A 229 18.91 -17.49 28.48
N LEU A 230 18.55 -16.36 27.86
CA LEU A 230 17.46 -15.43 28.36
C LEU A 230 16.56 -14.92 27.23
N VAL A 231 15.37 -15.53 27.00
CA VAL A 231 14.52 -15.05 25.88
C VAL A 231 13.87 -13.70 26.17
N GLU A 232 13.72 -12.93 25.10
CA GLU A 232 13.06 -11.63 25.13
C GLU A 232 11.56 -11.92 25.43
N THR A 233 10.94 -11.09 26.28
CA THR A 233 9.58 -11.30 26.78
C THR A 233 8.69 -11.28 25.57
N ARG A 234 7.68 -12.17 25.58
CA ARG A 234 6.85 -12.36 24.39
C ARG A 234 5.36 -12.37 24.72
N PRO A 235 4.51 -11.95 23.75
CA PRO A 235 3.08 -11.98 23.89
C PRO A 235 2.48 -13.37 23.69
N ALA A 236 1.52 -13.73 24.52
CA ALA A 236 0.85 -15.03 24.42
C ALA A 236 -0.24 -14.93 23.36
N GLY A 237 -0.85 -13.76 23.23
CA GLY A 237 -1.88 -13.53 22.21
C GLY A 237 -3.26 -13.36 22.87
N ASP A 238 -3.34 -13.58 24.19
CA ASP A 238 -4.58 -13.45 24.93
C ASP A 238 -4.54 -12.26 25.87
N GLY A 239 -3.63 -11.31 25.58
CA GLY A 239 -3.33 -10.28 26.51
C GLY A 239 -2.43 -10.58 27.69
N THR A 240 -1.80 -11.74 27.78
CA THR A 240 -0.77 -11.93 28.83
C THR A 240 0.55 -12.25 28.18
N PHE A 241 1.60 -12.33 28.99
CA PHE A 241 2.94 -12.42 28.47
C PHE A 241 3.70 -13.61 29.03
N GLN A 242 4.87 -13.92 28.47
CA GLN A 242 5.59 -15.13 28.81
C GLN A 242 7.05 -14.83 28.77
N LYS A 243 7.84 -15.55 29.57
CA LYS A 243 9.28 -15.42 29.48
C LYS A 243 9.93 -16.60 30.15
N TRP A 244 11.17 -16.90 29.72
CA TRP A 244 12.00 -17.86 30.38
C TRP A 244 13.45 -17.51 30.45
N ALA A 245 14.13 -18.12 31.44
CA ALA A 245 15.57 -17.97 31.66
C ALA A 245 16.15 -19.29 32.02
N ALA A 246 17.31 -19.57 31.42
CA ALA A 246 17.96 -20.85 31.58
C ALA A 246 19.38 -20.75 32.02
N VAL A 247 19.82 -21.81 32.68
CA VAL A 247 21.20 -21.94 33.06
C VAL A 247 21.62 -23.39 32.98
N VAL A 248 22.89 -23.58 32.61
CA VAL A 248 23.54 -24.90 32.55
C VAL A 248 24.42 -25.04 33.79
N VAL A 249 24.14 -26.06 34.58
CA VAL A 249 24.79 -26.20 35.87
C VAL A 249 25.50 -27.54 35.98
N PRO A 250 26.52 -27.65 36.84
CA PRO A 250 27.04 -28.97 37.17
C PRO A 250 25.96 -29.86 37.80
N SER A 251 25.86 -31.10 37.35
CA SER A 251 24.97 -32.06 37.95
C SER A 251 25.32 -32.28 39.43
N GLY A 252 24.29 -32.35 40.28
CA GLY A 252 24.40 -32.37 41.73
C GLY A 252 24.70 -31.05 42.35
N GLN A 253 24.77 -29.97 41.59
CA GLN A 253 24.92 -28.63 42.17
C GLN A 253 23.63 -27.80 42.00
N GLU A 254 22.57 -28.38 41.50
CA GLU A 254 21.32 -27.65 41.22
C GLU A 254 20.77 -26.81 42.39
N GLN A 255 20.92 -27.29 43.61
CA GLN A 255 20.44 -26.55 44.79
C GLN A 255 21.23 -25.25 45.10
N ARG A 256 22.38 -25.02 44.46
CA ARG A 256 23.05 -23.71 44.58
C ARG A 256 22.45 -22.60 43.78
N TYR A 257 21.55 -22.94 42.86
CA TYR A 257 21.03 -22.02 41.90
C TYR A 257 19.62 -21.60 42.26
N THR A 258 19.37 -20.31 42.30
CA THR A 258 18.00 -19.81 42.48
C THR A 258 17.57 -18.93 41.34
N CYS A 259 16.26 -18.94 41.10
CA CYS A 259 15.67 -18.11 40.08
C CYS A 259 14.85 -17.04 40.70
N HIS A 260 15.16 -15.80 40.42
CA HIS A 260 14.46 -14.71 41.10
C HIS A 260 13.57 -14.03 40.13
N VAL A 261 12.35 -13.70 40.59
CA VAL A 261 11.33 -13.11 39.75
C VAL A 261 10.80 -11.84 40.39
N GLN A 262 10.83 -10.76 39.63
CA GLN A 262 10.29 -9.46 40.03
C GLN A 262 9.16 -9.02 39.10
N HIS A 263 7.95 -8.82 39.68
CA HIS A 263 6.78 -8.37 38.91
C HIS A 263 5.83 -7.49 39.72
N GLU A 264 5.21 -6.54 39.04
CA GLU A 264 4.27 -5.57 39.67
C GLU A 264 3.16 -6.33 40.44
N GLY A 265 2.63 -7.40 39.85
CA GLY A 265 1.64 -8.27 40.51
C GLY A 265 2.07 -9.12 41.71
N LEU A 266 3.35 -9.17 42.02
CA LEU A 266 3.90 -9.99 43.11
C LEU A 266 4.14 -9.15 44.35
N PRO A 267 3.53 -9.54 45.49
CA PRO A 267 3.80 -8.78 46.74
C PRO A 267 5.31 -8.70 47.06
N LYS A 268 5.98 -9.85 47.10
CA LYS A 268 7.43 -9.92 47.25
C LYS A 268 8.03 -10.56 45.99
N PRO A 269 9.26 -10.17 45.64
CA PRO A 269 9.94 -10.93 44.63
C PRO A 269 9.95 -12.42 44.98
N LEU A 270 9.88 -13.25 43.96
CA LEU A 270 10.00 -14.70 44.14
C LEU A 270 11.45 -15.20 44.10
N THR A 271 11.58 -16.45 44.53
CA THR A 271 12.82 -17.16 44.60
C THR A 271 12.42 -18.61 44.41
N LEU A 272 12.86 -19.21 43.32
CA LEU A 272 12.60 -20.64 43.10
C LEU A 272 13.88 -21.44 43.03
N ARG A 273 13.73 -22.70 43.32
CA ARG A 273 14.86 -23.61 43.56
C ARG A 273 14.32 -24.96 43.10
N TRP A 274 15.08 -25.60 42.22
CA TRP A 274 14.80 -26.94 41.86
C TRP A 274 14.89 -27.78 43.12
N GLU A 275 13.74 -28.15 43.68
CA GLU A 275 13.71 -29.36 44.56
C GLU A 275 13.27 -30.53 43.63
N PRO A 276 13.91 -31.73 43.80
CA PRO A 276 13.54 -32.88 42.95
C PRO A 276 12.01 -33.18 42.90
N MET B 1 20.23 5.49 7.32
CA MET B 1 19.27 4.43 6.97
C MET B 1 19.62 3.22 7.82
N ILE B 2 18.76 2.89 8.77
CA ILE B 2 19.03 1.84 9.74
C ILE B 2 18.33 0.58 9.31
N GLN B 3 19.07 -0.54 9.30
CA GLN B 3 18.54 -1.85 9.09
C GLN B 3 18.82 -2.79 10.27
N ARG B 4 17.75 -3.47 10.68
CA ARG B 4 17.76 -4.34 11.82
C ARG B 4 17.10 -5.64 11.48
N THR B 5 17.77 -6.72 11.84
CA THR B 5 17.40 -8.03 11.41
C THR B 5 16.39 -8.56 12.46
N PRO B 6 15.33 -9.19 12.00
CA PRO B 6 14.33 -9.64 12.93
C PRO B 6 14.85 -10.70 13.92
N LYS B 7 14.48 -10.51 15.17
CA LYS B 7 14.49 -11.61 16.17
C LYS B 7 13.23 -12.45 16.04
N ILE B 8 13.33 -13.78 16.09
CA ILE B 8 12.15 -14.67 15.84
C ILE B 8 11.96 -15.69 16.95
N GLN B 9 10.70 -15.85 17.42
CA GLN B 9 10.29 -16.86 18.41
C GLN B 9 9.08 -17.62 17.95
N VAL B 10 9.12 -18.96 17.96
CA VAL B 10 7.95 -19.75 17.61
C VAL B 10 7.53 -20.54 18.85
N TYR B 11 6.30 -20.40 19.25
CA TYR B 11 5.85 -21.01 20.49
C TYR B 11 4.34 -21.07 20.51
N SER B 12 3.76 -21.75 21.50
CA SER B 12 2.33 -21.77 21.63
C SER B 12 1.87 -20.96 22.77
N ARG B 13 0.65 -20.45 22.66
CA ARG B 13 -0.03 -19.75 23.75
C ARG B 13 -0.14 -20.52 25.11
N HIS B 14 -0.56 -21.78 24.99
CA HIS B 14 -0.79 -22.68 26.10
C HIS B 14 0.22 -23.80 25.94
N PRO B 15 0.61 -24.45 27.06
CA PRO B 15 1.51 -25.62 26.93
C PRO B 15 0.89 -26.66 25.97
N ALA B 16 1.70 -27.22 25.07
CA ALA B 16 1.21 -28.07 23.98
C ALA B 16 0.87 -29.51 24.33
N GLU B 17 -0.36 -29.88 24.02
CA GLU B 17 -0.89 -31.18 24.34
C GLU B 17 -1.48 -31.71 23.06
N ASN B 18 -1.19 -32.95 22.70
CA ASN B 18 -1.71 -33.53 21.47
C ASN B 18 -3.27 -33.62 21.49
N GLY B 19 -3.88 -33.26 20.36
CA GLY B 19 -5.31 -33.30 20.20
C GLY B 19 -6.13 -32.29 21.01
N LYS B 20 -5.49 -31.29 21.56
CA LYS B 20 -6.16 -30.24 22.27
C LYS B 20 -5.80 -28.88 21.60
N SER B 21 -6.84 -28.20 21.11
CA SER B 21 -6.80 -26.87 20.46
C SER B 21 -5.99 -25.82 21.16
N ASN B 22 -5.30 -24.99 20.36
CA ASN B 22 -4.22 -24.13 20.84
C ASN B 22 -3.96 -22.99 19.82
N PHE B 23 -3.06 -22.08 20.18
CA PHE B 23 -2.50 -21.13 19.23
C PHE B 23 -1.01 -21.26 19.06
N LEU B 24 -0.62 -21.23 17.79
CA LEU B 24 0.75 -21.31 17.35
C LEU B 24 1.06 -19.92 17.00
N ASN B 25 2.06 -19.38 17.70
CA ASN B 25 2.50 -18.00 17.56
C ASN B 25 3.85 -17.91 16.91
N CYS B 26 4.01 -16.90 16.05
CA CYS B 26 5.33 -16.53 15.51
C CYS B 26 5.56 -15.05 15.82
N TYR B 27 6.49 -14.74 16.78
CA TYR B 27 6.74 -13.36 17.20
C TYR B 27 8.06 -12.83 16.63
N VAL B 28 7.90 -11.77 15.89
CA VAL B 28 8.95 -11.22 15.08
C VAL B 28 9.17 -9.76 15.57
N SER B 29 10.38 -9.48 16.02
CA SER B 29 10.60 -8.27 16.76
C SER B 29 11.93 -7.68 16.45
N GLY B 30 12.10 -6.42 16.83
CA GLY B 30 13.39 -5.78 16.62
C GLY B 30 13.90 -5.59 15.22
N PHE B 31 13.00 -5.48 14.24
CA PHE B 31 13.40 -5.27 12.85
C PHE B 31 13.19 -3.87 12.29
N HIS B 32 13.80 -3.58 11.11
CA HIS B 32 13.62 -2.31 10.42
C HIS B 32 14.24 -2.33 9.01
N PRO B 33 13.63 -1.74 7.97
CA PRO B 33 12.32 -1.08 7.94
C PRO B 33 11.18 -2.13 8.04
N SER B 34 9.93 -1.65 7.98
CA SER B 34 8.79 -2.44 8.45
C SER B 34 8.25 -3.47 7.48
N ASP B 35 8.58 -3.42 6.19
CA ASP B 35 8.10 -4.46 5.28
C ASP B 35 8.81 -5.73 5.69
N ILE B 36 7.97 -6.72 6.05
CA ILE B 36 8.41 -8.03 6.44
C ILE B 36 7.35 -9.03 5.97
N GLU B 37 7.78 -10.22 5.58
CA GLU B 37 6.84 -11.27 5.25
C GLU B 37 6.99 -12.41 6.19
N VAL B 38 5.88 -12.89 6.78
CA VAL B 38 5.88 -13.97 7.79
C VAL B 38 4.80 -15.01 7.46
N ASP B 39 5.21 -16.27 7.38
CA ASP B 39 4.29 -17.40 7.21
C ASP B 39 4.45 -18.42 8.28
N LEU B 40 3.34 -19.07 8.59
CA LEU B 40 3.37 -20.17 9.50
C LEU B 40 3.19 -21.39 8.66
N LEU B 41 3.97 -22.42 8.92
CA LEU B 41 4.01 -23.60 8.06
C LEU B 41 3.61 -24.85 8.80
N LYS B 42 2.89 -25.74 8.12
CA LYS B 42 2.49 -27.02 8.67
C LYS B 42 2.97 -28.03 7.69
N ASN B 43 3.93 -28.83 8.15
CA ASN B 43 4.61 -29.81 7.31
C ASN B 43 5.14 -29.13 6.07
N GLY B 44 5.63 -27.91 6.22
CA GLY B 44 6.23 -27.22 5.08
C GLY B 44 5.32 -26.54 4.06
N GLU B 45 3.99 -26.63 4.21
CA GLU B 45 3.07 -25.89 3.31
C GLU B 45 2.50 -24.77 4.14
N ARG B 46 2.28 -23.60 3.51
CA ARG B 46 1.83 -22.42 4.27
C ARG B 46 0.38 -22.56 4.72
N ILE B 47 0.07 -21.97 5.86
CA ILE B 47 -1.28 -21.95 6.44
C ILE B 47 -1.91 -20.58 6.04
N GLU B 48 -3.10 -20.62 5.46
CA GLU B 48 -3.79 -19.41 4.98
C GLU B 48 -4.39 -18.64 6.13
N LYS B 49 -5.08 -19.37 6.99
CA LYS B 49 -5.91 -18.82 8.09
C LYS B 49 -5.08 -18.35 9.29
N VAL B 50 -4.23 -17.35 9.03
CA VAL B 50 -3.31 -16.74 10.02
C VAL B 50 -3.60 -15.28 10.23
N GLU B 51 -3.43 -14.83 11.44
CA GLU B 51 -3.75 -13.50 11.82
C GLU B 51 -2.53 -12.82 12.34
N HIS B 52 -2.54 -11.50 12.30
CA HIS B 52 -1.47 -10.74 12.79
C HIS B 52 -1.98 -9.51 13.48
N SER B 53 -1.33 -9.17 14.59
CA SER B 53 -1.48 -7.91 15.28
C SER B 53 -1.08 -6.67 14.47
N ASP B 54 -1.42 -5.48 14.98
CA ASP B 54 -1.20 -4.24 14.23
C ASP B 54 0.23 -3.78 14.52
N LEU B 55 0.88 -3.25 13.48
CA LEU B 55 2.31 -2.90 13.55
C LEU B 55 2.56 -1.95 14.66
N SER B 56 3.58 -2.25 15.45
CA SER B 56 3.98 -1.30 16.49
C SER B 56 5.49 -1.31 16.66
N PHE B 57 5.98 -0.61 17.70
CA PHE B 57 7.40 -0.54 17.87
C PHE B 57 7.86 -0.24 19.28
N SER B 58 9.13 -0.48 19.49
CA SER B 58 9.72 -0.34 20.81
C SER B 58 10.44 1.01 20.91
N LYS B 59 11.03 1.23 22.06
CA LYS B 59 11.73 2.47 22.41
C LYS B 59 12.89 2.80 21.45
N ASP B 60 13.51 1.79 20.85
CA ASP B 60 14.63 1.99 19.94
C ASP B 60 14.19 2.16 18.46
N TRP B 61 12.86 2.20 18.28
CA TRP B 61 12.18 2.38 17.02
C TRP B 61 12.07 1.12 16.15
N SER B 62 12.58 0.00 16.59
CA SER B 62 12.46 -1.24 15.83
C SER B 62 11.06 -1.79 16.02
N PHE B 63 10.55 -2.52 15.03
CA PHE B 63 9.10 -2.91 14.92
C PHE B 63 8.84 -4.29 15.48
N TYR B 64 7.58 -4.62 15.66
CA TYR B 64 7.25 -5.99 16.13
C TYR B 64 5.87 -6.39 15.80
N LEU B 65 5.71 -7.70 15.61
CA LEU B 65 4.47 -8.20 15.11
C LEU B 65 4.27 -9.53 15.70
N LEU B 66 3.04 -9.86 16.07
CA LEU B 66 2.70 -11.22 16.36
C LEU B 66 1.88 -11.80 15.22
N TYR B 67 2.24 -12.95 14.68
CA TYR B 67 1.34 -13.76 13.80
C TYR B 67 0.90 -15.00 14.54
N TYR B 68 -0.31 -15.44 14.25
CA TYR B 68 -0.91 -16.54 15.06
C TYR B 68 -2.08 -17.25 14.35
N THR B 69 -2.19 -18.55 14.51
CA THR B 69 -3.21 -19.33 13.83
C THR B 69 -3.73 -20.36 14.84
N GLU B 70 -4.99 -20.73 14.73
CA GLU B 70 -5.60 -21.71 15.65
C GLU B 70 -5.23 -23.07 15.16
N PHE B 71 -4.84 -23.96 16.05
CA PHE B 71 -4.37 -25.29 15.62
C PHE B 71 -4.46 -26.33 16.71
N THR B 72 -4.57 -27.56 16.26
CA THR B 72 -4.52 -28.76 17.11
C THR B 72 -3.23 -29.59 16.82
N PRO B 73 -2.29 -29.62 17.78
CA PRO B 73 -1.11 -30.45 17.73
C PRO B 73 -1.44 -31.91 17.62
N THR B 74 -0.70 -32.61 16.76
CA THR B 74 -0.77 -34.07 16.62
C THR B 74 0.64 -34.66 16.54
N GLU B 75 0.78 -35.92 16.95
CA GLU B 75 2.03 -36.69 16.76
C GLU B 75 2.79 -36.35 15.43
N LYS B 76 2.10 -36.47 14.30
CA LYS B 76 2.61 -36.42 12.92
C LYS B 76 3.19 -35.05 12.50
N ASP B 77 2.53 -34.01 12.94
CA ASP B 77 2.64 -32.70 12.31
C ASP B 77 3.78 -31.83 12.82
N GLU B 78 4.35 -31.06 11.90
CA GLU B 78 5.54 -30.25 12.15
C GLU B 78 5.26 -28.84 11.79
N TYR B 79 5.53 -27.92 12.71
CA TYR B 79 5.17 -26.53 12.50
C TYR B 79 6.44 -25.70 12.52
N ALA B 80 6.42 -24.61 11.78
CA ALA B 80 7.57 -23.78 11.57
C ALA B 80 7.04 -22.39 11.21
N CYS B 81 7.90 -21.38 11.23
CA CYS B 81 7.61 -20.01 10.86
C CYS B 81 8.62 -19.68 9.77
N ARG B 82 8.21 -19.03 8.68
CA ARG B 82 9.12 -18.61 7.63
C ARG B 82 9.09 -17.05 7.50
N VAL B 83 10.25 -16.39 7.57
CA VAL B 83 10.30 -14.95 7.68
C VAL B 83 11.15 -14.42 6.52
N ASN B 84 10.70 -13.37 5.88
CA ASN B 84 11.53 -12.70 4.94
C ASN B 84 11.57 -11.20 5.26
N HIS B 85 12.78 -10.66 5.28
CA HIS B 85 13.04 -9.25 5.44
C HIS B 85 14.16 -8.88 4.48
N VAL B 86 14.38 -7.62 4.25
CA VAL B 86 15.51 -7.12 3.44
C VAL B 86 16.92 -7.39 4.05
N THR B 87 16.99 -7.56 5.38
CA THR B 87 18.23 -7.93 6.09
C THR B 87 18.67 -9.39 5.88
N LEU B 88 17.73 -10.25 5.51
CA LEU B 88 18.02 -11.66 5.30
C LEU B 88 18.31 -12.00 3.84
N SER B 89 19.40 -12.74 3.62
CA SER B 89 19.82 -13.06 2.27
C SER B 89 18.93 -14.15 1.72
N GLN B 90 18.18 -14.82 2.59
CA GLN B 90 17.10 -15.70 2.13
C GLN B 90 16.17 -16.02 3.28
N PRO B 91 14.96 -16.48 3.01
CA PRO B 91 14.03 -16.71 4.12
C PRO B 91 14.57 -17.60 5.21
N LYS B 92 14.44 -17.14 6.44
CA LYS B 92 14.82 -17.92 7.60
C LYS B 92 13.60 -18.73 8.04
N ILE B 93 13.73 -20.03 8.16
CA ILE B 93 12.64 -20.89 8.68
C ILE B 93 12.99 -21.29 10.12
N VAL B 94 12.15 -20.99 11.08
CA VAL B 94 12.41 -21.45 12.46
C VAL B 94 11.36 -22.48 12.88
N LYS B 95 11.82 -23.64 13.28
CA LYS B 95 10.93 -24.75 13.67
C LYS B 95 10.31 -24.55 15.04
N TRP B 96 9.08 -25.04 15.19
CA TRP B 96 8.40 -25.08 16.50
C TRP B 96 8.91 -26.21 17.36
N ASP B 97 9.60 -25.86 18.45
CA ASP B 97 9.92 -26.78 19.53
C ASP B 97 8.77 -26.83 20.58
N ARG B 98 8.20 -28.00 20.75
CA ARG B 98 7.03 -28.18 21.61
C ARG B 98 7.15 -27.70 23.06
N ASP B 99 8.35 -27.81 23.62
CA ASP B 99 8.55 -27.54 25.06
C ASP B 99 9.14 -26.17 25.27
N MET B 100 8.75 -25.19 24.48
CA MET B 100 9.59 -23.97 24.31
C MET B 100 8.82 -22.77 23.72
N LEU C 1 -7.41 9.33 23.68
CA LEU C 1 -7.91 10.36 22.76
C LEU C 1 -6.68 10.99 22.17
N LEU C 2 -6.66 11.01 20.83
CA LEU C 2 -5.61 11.67 20.10
C LEU C 2 -5.46 13.13 20.51
N TRP C 3 -4.24 13.62 20.33
CA TRP C 3 -3.91 15.04 20.32
C TRP C 3 -4.57 15.61 19.04
N ALA C 4 -5.13 16.80 19.10
CA ALA C 4 -5.74 17.43 17.91
C ALA C 4 -4.72 18.28 17.04
N GLY C 5 -3.44 18.25 17.45
CA GLY C 5 -2.48 19.36 17.21
C GLY C 5 -1.24 19.09 16.39
N PRO C 6 -1.20 18.03 15.58
CA PRO C 6 0.07 17.81 14.89
C PRO C 6 0.46 18.80 13.81
N MET C 7 1.69 19.21 13.88
CA MET C 7 2.18 20.17 12.91
C MET C 7 3.25 19.49 12.05
N ALA C 8 3.16 19.77 10.77
CA ALA C 8 4.08 19.26 9.75
C ALA C 8 5.51 19.67 10.10
N VAL C 9 6.50 18.90 9.68
CA VAL C 9 7.91 19.23 9.92
C VAL C 9 8.43 20.27 8.94
N GLY D 1 5.09 0.24 -38.90
CA GLY D 1 6.02 -0.08 -37.78
C GLY D 1 5.47 -1.24 -36.95
N SER D 2 5.88 -1.27 -35.68
CA SER D 2 5.44 -2.28 -34.69
C SER D 2 3.94 -2.22 -34.37
N HIS D 3 3.31 -3.36 -34.20
CA HIS D 3 1.90 -3.40 -33.75
C HIS D 3 1.73 -4.25 -32.54
N SER D 4 0.58 -4.13 -31.90
CA SER D 4 0.28 -4.98 -30.77
C SER D 4 -1.22 -5.28 -30.61
N MET D 5 -1.52 -6.39 -29.96
CA MET D 5 -2.85 -6.65 -29.45
C MET D 5 -2.80 -6.94 -27.97
N ARG D 6 -3.71 -6.34 -27.22
CA ARG D 6 -3.71 -6.45 -25.78
C ARG D 6 -5.13 -6.63 -25.24
N TYR D 7 -5.29 -7.47 -24.24
CA TYR D 7 -6.59 -7.56 -23.52
C TYR D 7 -6.33 -7.20 -22.10
N PHE D 8 -7.21 -6.40 -21.50
CA PHE D 8 -7.12 -6.02 -20.11
C PHE D 8 -8.41 -6.47 -19.44
N PHE D 9 -8.30 -6.97 -18.20
CA PHE D 9 -9.43 -7.53 -17.44
C PHE D 9 -9.31 -7.00 -16.01
N THR D 10 -10.39 -6.38 -15.52
CA THR D 10 -10.54 -5.95 -14.12
C THR D 10 -11.67 -6.64 -13.37
N SER D 11 -11.39 -7.21 -12.23
CA SER D 11 -12.39 -7.90 -11.44
C SER D 11 -12.39 -7.18 -10.10
N VAL D 12 -13.53 -6.72 -9.61
CA VAL D 12 -13.60 -5.96 -8.35
C VAL D 12 -14.67 -6.61 -7.52
N SER D 13 -14.35 -7.03 -6.29
CA SER D 13 -15.32 -7.63 -5.38
C SER D 13 -16.21 -6.57 -4.73
N ARG D 14 -17.42 -6.95 -4.37
CA ARG D 14 -18.44 -6.05 -3.81
C ARG D 14 -18.99 -6.62 -2.49
N PRO D 15 -18.23 -6.48 -1.40
CA PRO D 15 -18.61 -6.87 -0.06
C PRO D 15 -20.08 -6.55 0.30
N GLY D 16 -20.83 -7.60 0.64
CA GLY D 16 -22.19 -7.44 1.05
C GLY D 16 -23.12 -7.19 -0.09
N ARG D 17 -22.60 -7.02 -1.32
CA ARG D 17 -23.40 -6.54 -2.47
C ARG D 17 -23.30 -7.53 -3.66
N GLY D 18 -23.09 -8.81 -3.37
CA GLY D 18 -23.27 -9.88 -4.35
C GLY D 18 -22.10 -10.06 -5.28
N GLU D 19 -22.39 -10.24 -6.57
CA GLU D 19 -21.37 -10.66 -7.56
C GLU D 19 -20.39 -9.54 -7.87
N PRO D 20 -19.13 -9.88 -8.13
CA PRO D 20 -18.07 -8.87 -8.43
C PRO D 20 -18.23 -8.20 -9.80
N ARG D 21 -17.74 -6.98 -9.94
CA ARG D 21 -17.79 -6.26 -11.22
C ARG D 21 -16.76 -6.93 -12.08
N PHE D 22 -17.03 -7.07 -13.38
CA PHE D 22 -16.02 -7.62 -14.25
C PHE D 22 -16.02 -6.92 -15.55
N ILE D 23 -14.85 -6.46 -15.96
CA ILE D 23 -14.76 -5.71 -17.17
C ILE D 23 -13.62 -6.18 -17.98
N ALA D 24 -13.85 -6.28 -19.28
CA ALA D 24 -12.78 -6.66 -20.19
C ALA D 24 -12.81 -5.83 -21.44
N VAL D 25 -11.65 -5.47 -21.93
CA VAL D 25 -11.57 -4.75 -23.17
C VAL D 25 -10.37 -5.23 -23.95
N GLY D 26 -10.56 -5.28 -25.28
CA GLY D 26 -9.51 -5.57 -26.24
C GLY D 26 -9.04 -4.35 -27.00
N TYR D 27 -7.72 -4.24 -27.21
CA TYR D 27 -7.09 -3.20 -28.04
C TYR D 27 -6.15 -3.78 -29.08
N VAL D 28 -6.19 -3.22 -30.27
CA VAL D 28 -5.11 -3.33 -31.24
C VAL D 28 -4.47 -1.92 -31.27
N ASP D 29 -3.16 -1.86 -31.01
CA ASP D 29 -2.43 -0.60 -30.77
C ASP D 29 -3.16 0.24 -29.71
N ASP D 30 -3.49 1.50 -30.01
CA ASP D 30 -4.20 2.38 -29.09
C ASP D 30 -5.71 2.50 -29.44
N THR D 31 -6.32 1.42 -29.99
CA THR D 31 -7.70 1.45 -30.50
C THR D 31 -8.48 0.30 -29.86
N GLN D 32 -9.58 0.62 -29.24
CA GLN D 32 -10.38 -0.32 -28.55
C GLN D 32 -11.24 -1.02 -29.59
N PHE D 33 -11.30 -2.35 -29.59
CA PHE D 33 -12.21 -3.07 -30.52
C PHE D 33 -13.30 -3.98 -29.94
N VAL D 34 -13.17 -4.40 -28.67
CA VAL D 34 -14.20 -5.27 -28.05
C VAL D 34 -14.36 -4.88 -26.65
N ARG D 35 -15.55 -5.15 -26.10
CA ARG D 35 -15.72 -5.15 -24.64
C ARG D 35 -16.79 -6.04 -24.11
N PHE D 36 -16.57 -6.45 -22.86
CA PHE D 36 -17.59 -7.12 -22.08
C PHE D 36 -17.60 -6.44 -20.74
N ASP D 37 -18.72 -5.81 -20.40
CA ASP D 37 -18.99 -5.36 -19.04
C ASP D 37 -20.11 -6.18 -18.38
N SER D 38 -19.87 -6.64 -17.14
CA SER D 38 -20.86 -7.40 -16.34
C SER D 38 -22.16 -6.62 -15.97
N ASP D 39 -22.09 -5.29 -16.01
CA ASP D 39 -23.22 -4.46 -15.72
C ASP D 39 -24.02 -3.99 -16.95
N ALA D 40 -23.49 -4.26 -18.15
CA ALA D 40 -24.13 -3.82 -19.36
C ALA D 40 -25.34 -4.72 -19.65
N ALA D 41 -26.20 -4.24 -20.55
CA ALA D 41 -27.37 -4.95 -20.97
C ALA D 41 -27.14 -6.33 -21.63
N SER D 42 -26.21 -6.40 -22.59
CA SER D 42 -26.13 -7.52 -23.52
C SER D 42 -25.63 -8.83 -22.84
N GLN D 43 -24.72 -8.73 -21.89
CA GLN D 43 -24.07 -9.96 -21.34
C GLN D 43 -23.42 -10.81 -22.44
N ARG D 44 -22.90 -10.08 -23.44
CA ARG D 44 -22.19 -10.61 -24.58
C ARG D 44 -20.90 -9.78 -24.75
N MET D 45 -19.99 -10.32 -25.52
CA MET D 45 -18.81 -9.56 -25.87
C MET D 45 -19.23 -8.72 -27.10
N GLU D 46 -19.03 -7.40 -27.04
CA GLU D 46 -19.65 -6.45 -27.98
C GLU D 46 -18.55 -5.74 -28.81
N PRO D 47 -18.84 -5.45 -30.09
CA PRO D 47 -17.88 -4.71 -30.90
C PRO D 47 -17.76 -3.27 -30.43
N ARG D 48 -16.57 -2.70 -30.56
CA ARG D 48 -16.32 -1.27 -30.31
C ARG D 48 -15.64 -0.55 -31.50
N ALA D 49 -15.03 -1.26 -32.42
CA ALA D 49 -14.56 -0.64 -33.65
C ALA D 49 -15.42 -1.12 -34.83
N PRO D 50 -15.44 -0.36 -35.95
CA PRO D 50 -16.27 -0.84 -37.07
C PRO D 50 -15.74 -2.08 -37.87
N TRP D 51 -14.46 -2.40 -37.76
CA TRP D 51 -13.83 -3.46 -38.55
C TRP D 51 -13.91 -4.86 -37.90
N ILE D 52 -14.38 -4.91 -36.66
CA ILE D 52 -14.67 -6.14 -35.95
C ILE D 52 -16.13 -6.50 -36.08
N GLU D 53 -17.00 -5.53 -36.35
CA GLU D 53 -18.42 -5.80 -36.65
C GLU D 53 -18.67 -6.85 -37.74
N GLN D 54 -17.75 -6.99 -38.70
CA GLN D 54 -17.95 -7.91 -39.86
C GLN D 54 -17.55 -9.38 -39.58
N GLU D 55 -17.22 -9.69 -38.32
CA GLU D 55 -17.00 -11.06 -37.93
C GLU D 55 -18.35 -11.68 -37.57
N GLY D 56 -18.50 -12.97 -37.92
CA GLY D 56 -19.78 -13.66 -37.88
C GLY D 56 -20.32 -14.02 -36.50
N PRO D 57 -21.45 -14.72 -36.47
CA PRO D 57 -21.94 -15.22 -35.17
C PRO D 57 -20.98 -16.20 -34.48
N GLU D 58 -20.26 -17.02 -35.25
CA GLU D 58 -19.28 -17.97 -34.71
C GLU D 58 -18.21 -17.31 -33.82
N TYR D 59 -17.71 -16.13 -34.24
CA TYR D 59 -16.75 -15.30 -33.47
C TYR D 59 -17.38 -14.72 -32.21
N TRP D 60 -18.51 -14.04 -32.34
CA TRP D 60 -19.18 -13.45 -31.18
C TRP D 60 -19.60 -14.50 -30.13
N ASP D 61 -20.18 -15.61 -30.58
CA ASP D 61 -20.59 -16.70 -29.67
C ASP D 61 -19.38 -17.27 -28.87
N GLY D 62 -18.25 -17.47 -29.57
CA GLY D 62 -16.99 -17.92 -28.97
C GLY D 62 -16.32 -16.91 -28.05
N GLU D 63 -16.37 -15.62 -28.39
CA GLU D 63 -15.69 -14.62 -27.52
C GLU D 63 -16.52 -14.41 -26.27
N THR D 64 -17.83 -14.37 -26.46
CA THR D 64 -18.76 -14.43 -25.33
C THR D 64 -18.54 -15.67 -24.50
N ARG D 65 -18.48 -16.83 -25.13
CA ARG D 65 -18.22 -18.05 -24.34
C ARG D 65 -16.96 -17.85 -23.51
N LYS D 66 -15.89 -17.36 -24.12
CA LYS D 66 -14.57 -17.29 -23.47
C LYS D 66 -14.39 -16.18 -22.47
N VAL D 67 -15.01 -15.04 -22.72
CA VAL D 67 -14.96 -14.00 -21.71
C VAL D 67 -15.81 -14.37 -20.50
N LYS D 68 -16.93 -15.09 -20.68
CA LYS D 68 -17.62 -15.59 -19.47
C LYS D 68 -16.79 -16.58 -18.63
N ALA D 69 -15.87 -17.29 -19.29
CA ALA D 69 -14.95 -18.21 -18.63
C ALA D 69 -13.89 -17.47 -17.89
N HIS D 70 -13.37 -16.42 -18.50
CA HIS D 70 -12.45 -15.50 -17.83
C HIS D 70 -13.15 -14.96 -16.64
N SER D 71 -14.40 -14.53 -16.81
CA SER D 71 -15.18 -13.95 -15.67
C SER D 71 -15.30 -14.92 -14.50
N GLN D 72 -15.68 -16.15 -14.79
CA GLN D 72 -15.77 -17.21 -13.77
C GLN D 72 -14.42 -17.52 -13.05
N THR D 73 -13.33 -17.39 -13.78
CA THR D 73 -12.04 -17.61 -13.24
C THR D 73 -11.69 -16.53 -12.27
N HIS D 74 -11.99 -15.29 -12.60
CA HIS D 74 -11.72 -14.20 -11.67
C HIS D 74 -12.67 -14.17 -10.53
N ARG D 75 -13.89 -14.60 -10.71
CA ARG D 75 -14.85 -14.79 -9.60
C ARG D 75 -14.24 -15.73 -8.53
N VAL D 76 -13.78 -16.88 -8.98
CA VAL D 76 -13.04 -17.85 -8.15
C VAL D 76 -11.77 -17.24 -7.50
N ASP D 77 -10.92 -16.57 -8.30
CA ASP D 77 -9.69 -15.96 -7.80
C ASP D 77 -9.81 -14.90 -6.67
N LEU D 78 -10.81 -14.05 -6.78
CA LEU D 78 -11.10 -13.10 -5.71
C LEU D 78 -11.29 -13.76 -4.34
N GLY D 79 -12.01 -14.89 -4.32
CA GLY D 79 -12.24 -15.61 -3.09
C GLY D 79 -11.04 -16.40 -2.59
N THR D 80 -10.28 -16.98 -3.52
CA THR D 80 -9.07 -17.70 -3.22
C THR D 80 -8.01 -16.75 -2.65
N LEU D 81 -7.84 -15.60 -3.32
CA LEU D 81 -6.92 -14.64 -2.89
C LEU D 81 -7.31 -14.08 -1.55
N ARG D 82 -8.58 -13.93 -1.28
CA ARG D 82 -9.03 -13.42 0.01
C ARG D 82 -8.60 -14.33 1.11
N GLY D 83 -8.67 -15.64 0.87
CA GLY D 83 -8.15 -16.65 1.78
C GLY D 83 -6.64 -16.72 1.86
N TYR D 84 -5.95 -16.69 0.72
CA TYR D 84 -4.49 -16.76 0.71
C TYR D 84 -3.95 -15.70 1.65
N TYR D 85 -4.47 -14.46 1.54
CA TYR D 85 -4.07 -13.37 2.45
C TYR D 85 -4.89 -13.20 3.74
N ASN D 86 -5.84 -14.07 4.01
CA ASN D 86 -6.73 -13.98 5.18
C ASN D 86 -7.33 -12.62 5.40
N GLN D 87 -7.81 -12.02 4.32
CA GLN D 87 -8.49 -10.72 4.42
C GLN D 87 -9.96 -10.94 4.76
N SER D 88 -10.47 -10.11 5.68
CA SER D 88 -11.92 -10.11 6.05
C SER D 88 -12.81 -9.92 4.80
N GLU D 89 -14.11 -10.15 4.99
CA GLU D 89 -15.15 -10.02 3.93
C GLU D 89 -15.57 -8.54 3.69
N ALA D 90 -15.21 -7.66 4.63
CA ALA D 90 -15.61 -6.24 4.61
C ALA D 90 -15.04 -5.42 3.45
N GLY D 91 -13.87 -5.71 2.92
CA GLY D 91 -13.27 -4.80 1.94
C GLY D 91 -13.40 -5.26 0.52
N SER D 92 -13.54 -4.29 -0.39
CA SER D 92 -13.46 -4.57 -1.83
C SER D 92 -12.01 -4.86 -2.18
N HIS D 93 -11.73 -5.88 -2.99
CA HIS D 93 -10.37 -6.07 -3.56
C HIS D 93 -10.40 -6.17 -5.07
N THR D 94 -9.29 -5.82 -5.70
CA THR D 94 -9.20 -5.76 -7.17
C THR D 94 -8.23 -6.75 -7.70
N VAL D 95 -8.59 -7.44 -8.76
CA VAL D 95 -7.66 -8.28 -9.52
C VAL D 95 -7.56 -7.67 -10.92
N GLN D 96 -6.38 -7.68 -11.52
CA GLN D 96 -6.26 -7.20 -12.92
C GLN D 96 -5.50 -8.21 -13.79
N ARG D 97 -5.91 -8.47 -15.03
CA ARG D 97 -5.06 -9.28 -15.94
C ARG D 97 -4.83 -8.60 -17.27
N MET D 98 -3.66 -8.75 -17.79
CA MET D 98 -3.26 -8.14 -19.04
C MET D 98 -2.51 -9.24 -19.75
N TYR D 99 -2.89 -9.50 -20.99
CA TYR D 99 -2.05 -10.29 -21.86
C TYR D 99 -2.13 -9.87 -23.31
N GLY D 100 -1.16 -10.30 -24.08
CA GLY D 100 -1.07 -9.80 -25.45
C GLY D 100 0.20 -10.15 -26.15
N CYS D 101 0.33 -9.61 -27.35
CA CYS D 101 1.53 -9.89 -28.18
C CYS D 101 1.96 -8.71 -29.00
N ASP D 102 3.25 -8.59 -29.25
CA ASP D 102 3.78 -7.57 -30.12
C ASP D 102 4.28 -8.25 -31.37
N VAL D 103 3.98 -7.66 -32.51
CA VAL D 103 4.58 -8.02 -33.76
C VAL D 103 5.42 -6.84 -34.20
N GLY D 104 6.40 -7.12 -35.04
CA GLY D 104 7.28 -6.08 -35.59
C GLY D 104 6.71 -5.53 -36.87
N SER D 105 7.57 -4.87 -37.63
CA SER D 105 7.18 -4.24 -38.91
C SER D 105 6.92 -5.22 -40.04
N ASP D 106 7.39 -6.46 -39.88
CA ASP D 106 7.07 -7.53 -40.80
C ASP D 106 5.85 -8.36 -40.32
N TRP D 107 5.20 -7.88 -39.25
CA TRP D 107 4.04 -8.52 -38.61
C TRP D 107 4.31 -9.91 -37.97
N ARG D 108 5.57 -10.29 -37.88
CA ARG D 108 5.94 -11.52 -37.19
C ARG D 108 6.21 -11.23 -35.71
N PHE D 109 6.18 -12.31 -34.94
CA PHE D 109 6.18 -12.27 -33.48
C PHE D 109 7.44 -11.60 -32.92
N LEU D 110 7.24 -10.57 -32.12
CA LEU D 110 8.33 -9.89 -31.40
C LEU D 110 8.34 -10.28 -29.89
N ARG D 111 7.22 -10.14 -29.20
CA ARG D 111 7.14 -10.57 -27.80
C ARG D 111 5.72 -10.81 -27.32
N GLY D 112 5.65 -11.50 -26.20
CA GLY D 112 4.39 -11.95 -25.65
C GLY D 112 4.43 -11.68 -24.18
N TYR D 113 3.26 -11.43 -23.58
CA TYR D 113 3.28 -11.17 -22.17
C TYR D 113 1.98 -11.50 -21.46
N HIS D 114 2.12 -11.69 -20.16
CA HIS D 114 1.00 -11.99 -19.30
C HIS D 114 1.36 -11.64 -17.86
N GLN D 115 0.71 -10.60 -17.33
CA GLN D 115 0.88 -10.09 -15.97
C GLN D 115 -0.41 -10.23 -15.20
N TYR D 116 -0.31 -10.36 -13.88
CA TYR D 116 -1.52 -10.45 -13.08
C TYR D 116 -1.34 -9.76 -11.79
N ALA D 117 -2.31 -8.96 -11.37
CA ALA D 117 -2.10 -8.09 -10.25
C ALA D 117 -3.19 -8.25 -9.29
N TYR D 118 -2.89 -8.00 -8.01
CA TYR D 118 -3.81 -7.97 -6.91
C TYR D 118 -3.61 -6.70 -6.10
N ASP D 119 -4.74 -6.01 -5.87
CA ASP D 119 -4.81 -4.77 -5.14
C ASP D 119 -3.79 -3.74 -5.63
N GLY D 120 -3.60 -3.75 -6.94
CA GLY D 120 -2.85 -2.69 -7.67
C GLY D 120 -1.36 -2.85 -7.80
N LYS D 121 -0.91 -4.09 -7.71
CA LYS D 121 0.46 -4.49 -7.42
C LYS D 121 0.66 -5.84 -8.07
N ASP D 122 1.86 -6.10 -8.63
CA ASP D 122 2.18 -7.39 -9.27
C ASP D 122 1.92 -8.54 -8.32
N TYR D 123 1.32 -9.60 -8.89
CA TYR D 123 1.06 -10.87 -8.20
C TYR D 123 1.85 -11.97 -8.85
N ILE D 124 1.60 -12.21 -10.14
CA ILE D 124 2.39 -13.15 -10.91
C ILE D 124 2.61 -12.71 -12.39
N ALA D 125 3.79 -12.93 -12.93
CA ALA D 125 4.04 -12.58 -14.33
C ALA D 125 4.74 -13.73 -15.02
N LEU D 126 4.38 -13.92 -16.28
CA LEU D 126 5.16 -14.73 -17.18
C LEU D 126 6.43 -13.98 -17.50
N LYS D 127 7.54 -14.68 -17.52
CA LYS D 127 8.80 -14.03 -17.80
C LYS D 127 8.93 -13.88 -19.30
N GLU D 128 9.94 -13.15 -19.72
CA GLU D 128 10.13 -12.74 -21.14
C GLU D 128 10.17 -13.98 -22.07
N ASP D 129 10.84 -15.03 -21.61
CA ASP D 129 10.98 -16.27 -22.37
C ASP D 129 9.69 -17.09 -22.50
N LEU D 130 8.62 -16.66 -21.87
CA LEU D 130 7.30 -17.29 -22.03
C LEU D 130 7.27 -18.72 -21.50
N ARG D 131 8.17 -19.02 -20.60
CA ARG D 131 8.39 -20.39 -20.20
C ARG D 131 8.41 -20.59 -18.74
N SER D 132 8.30 -19.52 -17.94
CA SER D 132 8.34 -19.60 -16.46
C SER D 132 7.75 -18.33 -15.79
N TRP D 133 7.58 -18.33 -14.47
CA TRP D 133 6.83 -17.37 -13.76
C TRP D 133 7.66 -16.63 -12.74
N THR D 134 7.22 -15.41 -12.39
CA THR D 134 7.79 -14.62 -11.33
C THR D 134 6.69 -14.27 -10.38
N ALA D 135 6.90 -14.60 -9.09
CA ALA D 135 5.90 -14.54 -8.04
C ALA D 135 6.32 -13.48 -7.04
N ALA D 136 5.44 -12.52 -6.75
CA ALA D 136 5.79 -11.40 -5.89
C ALA D 136 6.06 -11.78 -4.45
N ASP D 137 5.39 -12.82 -3.95
CA ASP D 137 5.42 -13.14 -2.55
C ASP D 137 5.04 -14.62 -2.30
N MET D 138 4.97 -15.01 -1.01
CA MET D 138 4.75 -16.38 -0.60
C MET D 138 3.41 -16.97 -1.06
N ALA D 139 2.36 -16.16 -1.03
CA ALA D 139 1.05 -16.62 -1.49
C ALA D 139 1.07 -16.87 -2.98
N ALA D 140 1.68 -15.97 -3.74
CA ALA D 140 1.85 -16.17 -5.17
C ALA D 140 2.74 -17.30 -5.57
N GLN D 141 3.61 -17.81 -4.69
CA GLN D 141 4.31 -19.04 -4.97
C GLN D 141 3.37 -20.22 -5.04
N THR D 142 2.29 -20.21 -4.25
CA THR D 142 1.29 -21.24 -4.40
C THR D 142 0.75 -21.30 -5.82
N THR D 143 0.40 -20.14 -6.33
CA THR D 143 -0.13 -20.04 -7.69
C THR D 143 0.88 -20.53 -8.72
N LYS D 144 2.10 -20.05 -8.58
CA LYS D 144 3.23 -20.42 -9.41
C LYS D 144 3.31 -21.91 -9.52
N HIS D 145 3.17 -22.58 -8.38
CA HIS D 145 3.26 -24.06 -8.33
C HIS D 145 2.06 -24.78 -8.95
N LYS D 146 0.85 -24.28 -8.74
CA LYS D 146 -0.33 -24.81 -9.42
C LYS D 146 -0.13 -24.65 -10.92
N TRP D 147 0.30 -23.45 -11.34
CA TRP D 147 0.43 -23.20 -12.77
C TRP D 147 1.58 -23.91 -13.42
N GLU D 148 2.55 -24.34 -12.64
CA GLU D 148 3.65 -25.19 -13.07
C GLU D 148 3.21 -26.64 -13.21
N ALA D 149 2.69 -27.20 -12.12
CA ALA D 149 2.03 -28.50 -12.11
C ALA D 149 1.13 -28.66 -13.39
N ALA D 150 0.23 -27.75 -13.66
CA ALA D 150 -0.62 -27.93 -14.80
C ALA D 150 -0.02 -27.40 -16.14
N HIS D 151 1.25 -27.03 -16.19
CA HIS D 151 1.93 -26.65 -17.43
C HIS D 151 1.19 -25.58 -18.28
N VAL D 152 0.64 -24.58 -17.59
CA VAL D 152 -0.03 -23.42 -18.15
C VAL D 152 0.83 -22.52 -19.09
N ALA D 153 2.13 -22.45 -18.87
CA ALA D 153 2.96 -21.55 -19.63
C ALA D 153 3.06 -22.09 -21.03
N GLU D 154 3.21 -23.41 -21.20
CA GLU D 154 3.31 -24.02 -22.53
C GLU D 154 2.05 -23.67 -23.35
N GLN D 155 0.88 -23.86 -22.76
CA GLN D 155 -0.35 -23.54 -23.47
C GLN D 155 -0.57 -22.04 -23.67
N LEU D 156 -0.21 -21.21 -22.69
CA LEU D 156 -0.22 -19.75 -22.91
C LEU D 156 0.78 -19.30 -23.97
N ARG D 157 1.99 -19.86 -23.98
CA ARG D 157 3.01 -19.50 -24.95
C ARG D 157 2.57 -19.73 -26.42
N ALA D 158 1.90 -20.87 -26.63
CA ALA D 158 1.34 -21.27 -27.92
C ALA D 158 0.30 -20.27 -28.43
N TYR D 159 -0.59 -19.88 -27.54
CA TYR D 159 -1.48 -18.74 -27.74
C TYR D 159 -0.72 -17.45 -28.19
N LEU D 160 0.18 -16.96 -27.33
CA LEU D 160 0.90 -15.74 -27.63
C LEU D 160 1.74 -15.86 -28.90
N GLU D 161 2.46 -16.95 -29.10
CA GLU D 161 3.31 -17.12 -30.28
C GLU D 161 2.59 -17.52 -31.57
N GLY D 162 1.37 -18.04 -31.46
CA GLY D 162 0.56 -18.50 -32.60
C GLY D 162 -0.74 -17.72 -32.69
N THR D 163 -1.79 -18.19 -31.96
CA THR D 163 -3.15 -17.62 -32.09
C THR D 163 -3.14 -16.12 -31.94
N CYS D 164 -2.36 -15.60 -31.00
CA CYS D 164 -2.41 -14.17 -30.73
C CYS D 164 -1.95 -13.40 -31.99
N VAL D 165 -0.86 -13.83 -32.63
CA VAL D 165 -0.33 -13.04 -33.79
C VAL D 165 -1.12 -13.29 -35.06
N GLU D 166 -1.75 -14.47 -35.18
CA GLU D 166 -2.52 -14.75 -36.38
C GLU D 166 -3.72 -13.81 -36.40
N TRP D 167 -4.38 -13.66 -35.25
CA TRP D 167 -5.58 -12.85 -35.20
C TRP D 167 -5.22 -11.37 -35.25
N LEU D 168 -4.11 -10.98 -34.61
CA LEU D 168 -3.66 -9.58 -34.75
C LEU D 168 -3.44 -9.19 -36.23
N ARG D 169 -2.82 -10.07 -37.01
CA ARG D 169 -2.63 -9.82 -38.45
C ARG D 169 -3.94 -9.71 -39.16
N ARG D 170 -4.84 -10.61 -38.84
CA ARG D 170 -6.16 -10.58 -39.41
C ARG D 170 -6.78 -9.21 -39.15
N TYR D 171 -6.86 -8.82 -37.90
CA TYR D 171 -7.40 -7.50 -37.54
C TYR D 171 -6.68 -6.35 -38.23
N LEU D 172 -5.36 -6.41 -38.34
CA LEU D 172 -4.63 -5.33 -39.07
C LEU D 172 -5.03 -5.23 -40.53
N GLU D 173 -5.11 -6.37 -41.20
CA GLU D 173 -5.58 -6.43 -42.59
C GLU D 173 -7.05 -6.03 -42.77
N ASN D 174 -7.93 -6.49 -41.87
CA ASN D 174 -9.38 -6.18 -41.95
C ASN D 174 -9.59 -4.70 -41.71
N GLY D 175 -9.01 -4.19 -40.61
CA GLY D 175 -9.14 -2.77 -40.27
C GLY D 175 -8.04 -1.88 -40.81
N LYS D 176 -7.42 -2.25 -41.93
CA LYS D 176 -6.29 -1.48 -42.51
C LYS D 176 -6.57 -0.01 -42.62
N GLU D 177 -7.80 0.37 -42.95
CA GLU D 177 -8.16 1.79 -43.14
C GLU D 177 -8.00 2.65 -41.86
N THR D 178 -8.11 2.04 -40.68
CA THR D 178 -7.98 2.77 -39.43
C THR D 178 -6.83 2.29 -38.56
N LEU D 179 -6.34 1.08 -38.76
CA LEU D 179 -5.31 0.56 -37.83
C LEU D 179 -3.88 0.73 -38.34
N GLN D 180 -3.69 0.84 -39.65
CA GLN D 180 -2.37 1.00 -40.23
C GLN D 180 -2.16 2.41 -40.74
N ARG D 181 -2.49 3.39 -39.91
CA ARG D 181 -2.28 4.84 -40.19
C ARG D 181 -1.44 5.46 -39.10
N THR D 182 -0.55 6.38 -39.48
CA THR D 182 0.07 7.28 -38.53
C THR D 182 -0.49 8.65 -38.93
N ASP D 183 -1.11 9.35 -38.00
CA ASP D 183 -1.51 10.78 -38.22
C ASP D 183 -0.44 11.66 -37.57
N ALA D 184 0.25 12.43 -38.40
CA ALA D 184 1.25 13.38 -37.87
C ALA D 184 0.59 14.33 -36.90
N PRO D 185 1.25 14.62 -35.78
CA PRO D 185 0.74 15.72 -34.95
C PRO D 185 0.67 17.05 -35.69
N LYS D 186 -0.46 17.77 -35.49
CA LYS D 186 -0.63 19.20 -35.74
C LYS D 186 -0.07 19.96 -34.56
N THR D 187 1.00 20.70 -34.82
CA THR D 187 1.66 21.52 -33.83
C THR D 187 1.27 22.98 -33.92
N HIS D 188 1.20 23.64 -32.75
CA HIS D 188 1.23 25.12 -32.68
C HIS D 188 1.75 25.57 -31.33
N MET D 189 2.03 26.84 -31.19
CA MET D 189 2.66 27.36 -29.94
C MET D 189 1.87 28.54 -29.45
N THR D 190 1.56 28.61 -28.15
CA THR D 190 0.87 29.76 -27.59
C THR D 190 1.77 30.50 -26.62
N HIS D 191 1.42 31.75 -26.43
CA HIS D 191 2.19 32.71 -25.64
C HIS D 191 1.33 33.49 -24.63
N HIS D 192 1.72 33.47 -23.37
CA HIS D 192 1.01 34.13 -22.29
C HIS D 192 1.95 34.85 -21.32
N ALA D 193 1.98 36.16 -21.38
CA ALA D 193 2.82 36.92 -20.47
C ALA D 193 2.41 36.56 -19.02
N VAL D 194 3.40 36.47 -18.11
CA VAL D 194 3.10 36.43 -16.66
C VAL D 194 3.23 37.83 -16.06
N SER D 195 4.38 38.44 -16.24
CA SER D 195 4.73 39.76 -15.75
C SER D 195 5.46 40.54 -16.87
N ASP D 196 5.96 41.74 -16.56
CA ASP D 196 6.99 42.43 -17.40
C ASP D 196 8.31 41.66 -17.57
N HIS D 197 8.58 40.65 -16.75
CA HIS D 197 9.85 39.90 -16.81
C HIS D 197 9.82 38.43 -17.25
N GLU D 198 8.66 37.77 -17.20
CA GLU D 198 8.54 36.34 -17.54
C GLU D 198 7.30 36.10 -18.40
N ALA D 199 7.33 35.00 -19.15
CA ALA D 199 6.23 34.61 -20.05
C ALA D 199 6.20 33.14 -20.21
N THR D 200 5.03 32.59 -20.42
CA THR D 200 4.81 31.15 -20.67
C THR D 200 4.74 30.85 -22.17
N LEU D 201 5.47 29.84 -22.58
CA LEU D 201 5.33 29.26 -23.91
C LEU D 201 4.78 27.89 -23.74
N ARG D 202 3.74 27.58 -24.50
CA ARG D 202 3.17 26.25 -24.55
C ARG D 202 3.18 25.73 -25.95
N CYS D 203 3.66 24.52 -26.07
CA CYS D 203 3.84 23.80 -27.34
C CYS D 203 2.73 22.75 -27.41
N TRP D 204 1.95 22.76 -28.49
CA TRP D 204 0.80 21.84 -28.62
C TRP D 204 1.00 20.81 -29.68
N ALA D 205 0.69 19.56 -29.36
CA ALA D 205 0.53 18.48 -30.37
C ALA D 205 -0.89 18.04 -30.39
N LEU D 206 -1.56 18.10 -31.54
CA LEU D 206 -2.98 17.71 -31.66
C LEU D 206 -3.20 16.71 -32.81
N SER D 207 -4.27 15.92 -32.71
CA SER D 207 -4.72 15.02 -33.78
C SER D 207 -3.77 13.91 -34.20
N PHE D 208 -2.95 13.39 -33.29
CA PHE D 208 -1.95 12.42 -33.68
C PHE D 208 -2.34 11.01 -33.31
N TYR D 209 -1.80 10.01 -34.03
CA TYR D 209 -2.02 8.59 -33.77
C TYR D 209 -0.84 7.82 -34.33
N PRO D 210 -0.14 6.95 -33.59
CA PRO D 210 -0.52 6.48 -32.23
C PRO D 210 -0.23 7.48 -31.13
N ALA D 211 -0.51 7.11 -29.88
CA ALA D 211 -0.29 7.99 -28.74
C ALA D 211 1.19 8.30 -28.35
N GLU D 212 2.10 7.47 -28.81
CA GLU D 212 3.51 7.63 -28.51
C GLU D 212 4.01 8.92 -29.18
N ILE D 213 4.41 9.86 -28.35
CA ILE D 213 4.95 11.14 -28.76
C ILE D 213 5.96 11.61 -27.74
N THR D 214 6.90 12.43 -28.20
CA THR D 214 7.84 13.10 -27.33
C THR D 214 7.86 14.60 -27.61
N LEU D 215 7.66 15.38 -26.54
CA LEU D 215 7.57 16.83 -26.55
C LEU D 215 8.56 17.27 -25.54
N THR D 216 9.68 17.82 -25.98
CA THR D 216 10.71 18.36 -25.05
C THR D 216 11.08 19.79 -25.41
N TRP D 217 11.34 20.62 -24.41
CA TRP D 217 11.76 22.02 -24.60
C TRP D 217 13.29 22.08 -24.50
N GLN D 218 13.92 22.88 -25.34
CA GLN D 218 15.35 23.06 -25.33
C GLN D 218 15.68 24.55 -25.23
N ARG D 219 16.81 24.88 -24.65
CA ARG D 219 17.23 26.26 -24.45
C ARG D 219 18.66 26.37 -24.99
N ASP D 220 18.89 27.18 -26.03
CA ASP D 220 20.24 27.27 -26.65
C ASP D 220 20.75 25.86 -27.07
N GLY D 221 19.86 25.02 -27.60
CA GLY D 221 20.16 23.64 -27.92
C GLY D 221 20.17 22.60 -26.79
N GLU D 222 20.24 23.02 -25.53
CA GLU D 222 20.44 22.12 -24.37
C GLU D 222 19.10 21.64 -23.80
N ASP D 223 19.05 20.37 -23.34
CA ASP D 223 17.87 19.78 -22.60
C ASP D 223 17.39 20.81 -21.58
N GLN D 224 16.13 20.77 -21.22
CA GLN D 224 15.56 21.82 -20.37
C GLN D 224 14.28 21.34 -19.67
N THR D 225 14.43 20.50 -18.63
CA THR D 225 13.30 20.11 -17.76
C THR D 225 12.97 21.20 -16.74
N GLN D 226 14.00 21.78 -16.11
CA GLN D 226 13.79 22.90 -15.17
C GLN D 226 12.82 23.93 -15.74
N ASP D 227 11.75 24.20 -14.99
CA ASP D 227 10.63 25.12 -15.39
C ASP D 227 9.59 24.57 -16.40
N THR D 228 9.81 23.35 -16.93
CA THR D 228 8.88 22.67 -17.88
C THR D 228 7.67 21.95 -17.22
N GLU D 229 6.46 22.48 -17.45
CA GLU D 229 5.21 21.75 -17.14
C GLU D 229 4.76 20.89 -18.34
N LEU D 230 4.50 19.60 -18.09
CA LEU D 230 4.29 18.56 -19.12
C LEU D 230 3.05 17.67 -18.82
N VAL D 231 1.91 17.93 -19.50
CA VAL D 231 0.75 17.04 -19.27
C VAL D 231 0.93 15.66 -19.89
N GLU D 232 0.31 14.68 -19.26
CA GLU D 232 0.17 13.33 -19.75
C GLU D 232 -0.63 13.34 -21.05
N THR D 233 -0.22 12.51 -22.01
CA THR D 233 -0.86 12.37 -23.33
C THR D 233 -2.28 11.96 -23.08
N ARG D 234 -3.22 12.57 -23.82
CA ARG D 234 -4.63 12.38 -23.56
C ARG D 234 -5.43 12.10 -24.81
N PRO D 235 -6.54 11.31 -24.68
CA PRO D 235 -7.39 10.99 -25.78
C PRO D 235 -8.37 12.13 -26.13
N ALA D 236 -8.54 12.38 -27.42
CA ALA D 236 -9.43 13.41 -27.90
C ALA D 236 -10.83 12.87 -27.96
N GLY D 237 -10.97 11.58 -28.22
CA GLY D 237 -12.30 10.90 -28.21
C GLY D 237 -12.77 10.57 -29.62
N ASP D 238 -11.96 10.96 -30.61
CA ASP D 238 -12.21 10.66 -32.03
C ASP D 238 -11.18 9.71 -32.54
N GLY D 239 -10.54 8.98 -31.60
CA GLY D 239 -9.39 8.17 -31.97
C GLY D 239 -8.04 8.89 -32.21
N THR D 240 -7.91 10.18 -31.91
CA THR D 240 -6.58 10.78 -31.96
C THR D 240 -6.23 11.30 -30.57
N PHE D 241 -5.00 11.78 -30.45
CA PHE D 241 -4.48 12.15 -29.14
C PHE D 241 -3.96 13.55 -29.11
N GLN D 242 -3.67 14.06 -27.91
CA GLN D 242 -3.28 15.46 -27.74
C GLN D 242 -2.27 15.52 -26.69
N LYS D 243 -1.42 16.55 -26.74
CA LYS D 243 -0.49 16.79 -25.66
C LYS D 243 0.03 18.19 -25.72
N TRP D 244 0.47 18.69 -24.54
CA TRP D 244 1.18 19.93 -24.47
C TRP D 244 2.33 19.97 -23.46
N ALA D 245 3.26 20.91 -23.75
CA ALA D 245 4.42 21.15 -22.92
C ALA D 245 4.67 22.63 -22.82
N ALA D 246 4.97 23.06 -21.61
CA ALA D 246 5.14 24.45 -21.33
C ALA D 246 6.46 24.80 -20.66
N VAL D 247 6.90 26.02 -20.90
CA VAL D 247 8.03 26.57 -20.21
C VAL D 247 7.79 28.07 -19.90
N VAL D 248 8.36 28.53 -18.80
N VAL D 248 8.30 28.53 -18.76
CA VAL D 248 8.35 29.93 -18.37
CA VAL D 248 8.27 29.93 -18.40
C VAL D 248 9.69 30.57 -18.71
C VAL D 248 9.64 30.49 -18.81
N VAL D 249 9.65 31.64 -19.49
CA VAL D 249 10.89 32.22 -20.03
C VAL D 249 11.02 33.69 -19.70
N PRO D 250 12.26 34.21 -19.66
CA PRO D 250 12.43 35.66 -19.56
C PRO D 250 11.87 36.37 -20.78
N SER D 251 11.19 37.47 -20.55
CA SER D 251 10.66 38.29 -21.64
C SER D 251 11.78 38.80 -22.54
N GLY D 252 11.55 38.70 -23.87
CA GLY D 252 12.53 39.03 -24.88
C GLY D 252 13.59 37.98 -25.07
N GLN D 253 13.47 36.82 -24.43
CA GLN D 253 14.38 35.71 -24.69
C GLN D 253 13.63 34.55 -25.34
N GLU D 254 12.37 34.75 -25.77
CA GLU D 254 11.57 33.67 -26.35
C GLU D 254 12.24 32.90 -27.51
N GLN D 255 13.05 33.57 -28.31
CA GLN D 255 13.74 32.94 -29.44
C GLN D 255 14.85 31.95 -29.02
N ARG D 256 15.27 31.96 -27.76
CA ARG D 256 16.22 30.94 -27.28
C ARG D 256 15.66 29.56 -27.04
N TYR D 257 14.35 29.48 -27.03
CA TYR D 257 13.65 28.29 -26.67
C TYR D 257 13.11 27.58 -27.90
N THR D 258 13.39 26.28 -28.02
CA THR D 258 12.74 25.50 -29.09
C THR D 258 11.98 24.33 -28.53
N CYS D 259 10.93 23.95 -29.24
CA CYS D 259 10.10 22.83 -28.88
C CYS D 259 10.32 21.72 -29.84
N HIS D 260 10.75 20.55 -29.36
CA HIS D 260 11.06 19.48 -30.26
C HIS D 260 10.01 18.41 -30.15
N VAL D 261 9.63 17.84 -31.30
CA VAL D 261 8.55 16.89 -31.40
C VAL D 261 9.00 15.68 -32.16
N GLN D 262 8.80 14.51 -31.55
CA GLN D 262 9.13 13.22 -32.15
C GLN D 262 7.89 12.33 -32.22
N HIS D 263 7.53 11.85 -33.43
CA HIS D 263 6.36 10.99 -33.65
C HIS D 263 6.54 10.08 -34.84
N GLU D 264 5.95 8.89 -34.76
CA GLU D 264 5.98 7.86 -35.82
C GLU D 264 5.60 8.47 -37.19
N GLY D 265 4.52 9.25 -37.18
CA GLY D 265 4.02 9.91 -38.38
C GLY D 265 4.84 11.05 -38.99
N LEU D 266 5.90 11.51 -38.32
CA LEU D 266 6.70 12.64 -38.79
C LEU D 266 7.97 12.13 -39.45
N PRO D 267 8.21 12.51 -40.74
CA PRO D 267 9.49 12.14 -41.38
C PRO D 267 10.70 12.61 -40.56
N LYS D 268 10.75 13.91 -40.23
CA LYS D 268 11.84 14.47 -39.42
C LYS D 268 11.31 14.99 -38.11
N PRO D 269 12.11 14.87 -37.04
CA PRO D 269 11.66 15.48 -35.82
C PRO D 269 11.37 16.97 -36.08
N LEU D 270 10.34 17.50 -35.41
CA LEU D 270 10.07 18.93 -35.51
C LEU D 270 10.85 19.76 -34.50
N THR D 271 10.82 21.05 -34.77
CA THR D 271 11.49 22.08 -34.02
C THR D 271 10.62 23.30 -34.24
N LEU D 272 10.02 23.80 -33.18
CA LEU D 272 9.27 25.02 -33.28
C LEU D 272 9.83 26.09 -32.37
N ARG D 273 9.50 27.32 -32.74
CA ARG D 273 10.08 28.52 -32.17
C ARG D 273 8.96 29.56 -32.19
N TRP D 274 8.69 30.17 -31.07
CA TRP D 274 7.77 31.30 -31.05
C TRP D 274 8.42 32.38 -31.85
N GLU D 275 8.04 32.54 -33.12
CA GLU D 275 8.50 33.73 -33.89
C GLU D 275 7.30 34.74 -33.80
N PRO D 276 7.61 36.05 -33.63
CA PRO D 276 6.67 36.97 -32.95
C PRO D 276 5.21 36.89 -33.42
N MET E 1 -2.65 -3.09 -0.23
CA MET E 1 -3.65 -2.19 -0.82
C MET E 1 -2.88 -0.93 -1.25
N ILE E 2 -2.74 -0.75 -2.58
CA ILE E 2 -2.14 0.44 -3.11
C ILE E 2 -3.26 1.42 -3.51
N GLN E 3 -3.06 2.68 -3.14
CA GLN E 3 -3.98 3.78 -3.47
C GLN E 3 -3.27 4.91 -4.22
N ARG E 4 -3.95 5.40 -5.25
CA ARG E 4 -3.42 6.37 -6.17
C ARG E 4 -4.47 7.42 -6.49
N THR E 5 -4.07 8.68 -6.45
CA THR E 5 -5.00 9.77 -6.56
C THR E 5 -5.12 10.07 -8.06
N PRO E 6 -6.35 10.35 -8.52
CA PRO E 6 -6.50 10.64 -9.91
C PRO E 6 -5.77 11.91 -10.36
N LYS E 7 -5.13 11.80 -11.51
CA LYS E 7 -4.79 12.97 -12.33
C LYS E 7 -5.97 13.41 -13.18
N ILE E 8 -6.26 14.69 -13.30
CA ILE E 8 -7.50 15.16 -13.99
C ILE E 8 -7.20 16.24 -15.04
N GLN E 9 -7.75 16.08 -16.23
CA GLN E 9 -7.67 17.05 -17.33
C GLN E 9 -9.05 17.36 -17.90
N VAL E 10 -9.37 18.65 -18.02
CA VAL E 10 -10.63 19.04 -18.68
C VAL E 10 -10.22 19.84 -19.94
N TYR E 11 -10.73 19.43 -21.08
CA TYR E 11 -10.35 20.03 -22.33
C TYR E 11 -11.39 19.67 -23.37
N SER E 12 -11.31 20.25 -24.56
CA SER E 12 -12.21 19.90 -25.62
C SER E 12 -11.53 19.09 -26.67
N ARG E 13 -12.30 18.28 -27.36
CA ARG E 13 -11.86 17.54 -28.57
C ARG E 13 -11.19 18.38 -29.67
N HIS E 14 -11.87 19.46 -30.01
CA HIS E 14 -11.49 20.36 -31.08
C HIS E 14 -11.20 21.69 -30.43
N PRO E 15 -10.39 22.56 -31.06
CA PRO E 15 -10.20 23.92 -30.56
C PRO E 15 -11.54 24.63 -30.40
N ALA E 16 -11.73 25.33 -29.27
CA ALA E 16 -13.06 25.86 -28.90
C ALA E 16 -13.43 27.19 -29.54
N GLU E 17 -14.58 27.22 -30.20
CA GLU E 17 -15.09 28.41 -30.77
C GLU E 17 -16.50 28.64 -30.29
N ASN E 18 -16.86 29.89 -30.04
CA ASN E 18 -18.18 30.20 -29.50
C ASN E 18 -19.31 29.84 -30.48
N GLY E 19 -20.38 29.24 -29.95
CA GLY E 19 -21.57 28.90 -30.71
C GLY E 19 -21.43 27.75 -31.69
N LYS E 20 -20.34 27.01 -31.61
CA LYS E 20 -20.03 25.98 -32.58
C LYS E 20 -19.79 24.65 -31.80
N SER E 21 -20.62 23.66 -32.14
CA SER E 21 -20.67 22.32 -31.49
C SER E 21 -19.34 21.59 -31.35
N ASN E 22 -19.16 20.91 -30.20
CA ASN E 22 -17.88 20.38 -29.77
C ASN E 22 -18.05 19.23 -28.73
N PHE E 23 -16.95 18.62 -28.29
CA PHE E 23 -16.95 17.76 -27.13
C PHE E 23 -16.08 18.26 -26.01
N LEU E 24 -16.65 18.21 -24.80
CA LEU E 24 -16.01 18.57 -23.57
C LEU E 24 -15.67 17.27 -22.97
N ASN E 25 -14.37 17.09 -22.76
CA ASN E 25 -13.80 15.88 -22.19
C ASN E 25 -13.32 16.12 -20.76
N CYS E 26 -13.57 15.16 -19.87
CA CYS E 26 -12.85 15.05 -18.58
C CYS E 26 -12.06 13.72 -18.51
N TYR E 27 -10.70 13.77 -18.56
CA TYR E 27 -9.85 12.58 -18.57
C TYR E 27 -9.19 12.36 -17.18
N VAL E 28 -9.49 11.20 -16.64
CA VAL E 28 -9.15 10.87 -15.30
C VAL E 28 -8.24 9.64 -15.35
N SER E 29 -7.03 9.78 -14.78
CA SER E 29 -6.03 8.77 -15.04
C SER E 29 -5.21 8.53 -13.84
N GLY E 30 -4.50 7.43 -13.84
CA GLY E 30 -3.59 7.15 -12.74
C GLY E 30 -4.17 6.90 -11.37
N PHE E 31 -5.40 6.45 -11.26
CA PHE E 31 -6.02 6.19 -9.94
C PHE E 31 -6.17 4.73 -9.54
N HIS E 32 -6.41 4.50 -8.22
CA HIS E 32 -6.63 3.16 -7.65
C HIS E 32 -7.16 3.19 -6.22
N PRO E 33 -8.14 2.35 -5.81
CA PRO E 33 -8.90 1.38 -6.60
C PRO E 33 -9.83 2.07 -7.64
N SER E 34 -10.62 1.31 -8.37
CA SER E 34 -11.33 1.79 -9.54
C SER E 34 -12.60 2.58 -9.27
N ASP E 35 -13.20 2.48 -8.06
CA ASP E 35 -14.38 3.26 -7.77
C ASP E 35 -14.02 4.70 -7.83
N ILE E 36 -14.62 5.43 -8.78
CA ILE E 36 -14.46 6.84 -8.94
C ILE E 36 -15.78 7.43 -9.41
N GLU E 37 -16.09 8.64 -8.96
CA GLU E 37 -17.26 9.35 -9.42
C GLU E 37 -16.82 10.58 -10.18
N VAL E 38 -17.34 10.78 -11.40
CA VAL E 38 -16.95 11.90 -12.29
C VAL E 38 -18.18 12.56 -12.91
N ASP E 39 -18.28 13.89 -12.73
CA ASP E 39 -19.31 14.70 -13.33
C ASP E 39 -18.77 15.82 -14.13
N LEU E 40 -19.52 16.19 -15.17
CA LEU E 40 -19.21 17.38 -15.92
C LEU E 40 -20.23 18.40 -15.50
N LEU E 41 -19.79 19.61 -15.28
CA LEU E 41 -20.67 20.67 -14.76
C LEU E 41 -20.78 21.83 -15.72
N LYS E 42 -21.97 22.43 -15.79
CA LYS E 42 -22.20 23.61 -16.60
C LYS E 42 -22.80 24.63 -15.66
N ASN E 43 -22.05 25.68 -15.44
CA ASN E 43 -22.38 26.70 -14.46
C ASN E 43 -22.68 26.06 -13.12
N GLY E 44 -21.90 25.06 -12.79
CA GLY E 44 -22.05 24.40 -11.50
C GLY E 44 -23.19 23.38 -11.31
N GLU E 45 -24.06 23.18 -12.31
CA GLU E 45 -25.11 22.14 -12.20
C GLU E 45 -24.70 20.97 -13.09
N ARG E 46 -24.98 19.74 -12.66
CA ARG E 46 -24.44 18.57 -13.39
C ARG E 46 -25.16 18.35 -14.72
N ILE E 47 -24.42 17.85 -15.70
CA ILE E 47 -24.92 17.52 -17.04
C ILE E 47 -25.23 16.00 -17.05
N GLU E 48 -26.45 15.64 -17.43
CA GLU E 48 -26.91 14.23 -17.38
C GLU E 48 -26.31 13.46 -18.54
N LYS E 49 -26.37 14.07 -19.72
CA LYS E 49 -26.03 13.44 -21.01
C LYS E 49 -24.53 13.36 -21.24
N VAL E 50 -23.87 12.62 -20.35
CA VAL E 50 -22.43 12.33 -20.39
C VAL E 50 -22.12 10.87 -20.58
N GLU E 51 -21.08 10.62 -21.34
CA GLU E 51 -20.72 9.29 -21.69
C GLU E 51 -19.33 8.99 -21.18
N HIS E 52 -19.06 7.70 -21.03
CA HIS E 52 -17.77 7.33 -20.55
C HIS E 52 -17.30 6.07 -21.26
N SER E 53 -16.02 6.08 -21.62
CA SER E 53 -15.28 4.91 -22.10
C SER E 53 -15.18 3.77 -21.06
N ASP E 54 -14.77 2.60 -21.56
CA ASP E 54 -14.68 1.41 -20.75
C ASP E 54 -13.38 1.40 -19.98
N LEU E 55 -13.47 0.98 -18.71
CA LEU E 55 -12.38 1.00 -17.79
C LEU E 55 -11.19 0.29 -18.32
N SER E 56 -10.05 0.96 -18.25
CA SER E 56 -8.81 0.31 -18.60
C SER E 56 -7.68 0.71 -17.66
N PHE E 57 -6.47 0.31 -17.99
CA PHE E 57 -5.36 0.65 -17.15
C PHE E 57 -4.01 0.64 -17.85
N SER E 58 -3.05 1.24 -17.17
CA SER E 58 -1.72 1.41 -17.76
C SER E 58 -0.83 0.31 -17.22
N LYS E 59 0.42 0.36 -17.66
CA LYS E 59 1.48 -0.54 -17.25
C LYS E 59 1.69 -0.62 -15.72
N ASP E 60 1.36 0.45 -14.98
CA ASP E 60 1.59 0.50 -13.54
C ASP E 60 0.33 0.05 -12.76
N TRP E 61 -0.67 -0.40 -13.52
CA TRP E 61 -1.94 -0.93 -13.04
C TRP E 61 -2.95 0.11 -12.60
N SER E 62 -2.62 1.38 -12.70
CA SER E 62 -3.55 2.44 -12.30
C SER E 62 -4.53 2.57 -13.48
N PHE E 63 -5.77 3.03 -13.17
CA PHE E 63 -6.88 3.01 -14.12
C PHE E 63 -7.04 4.30 -14.85
N TYR E 64 -7.90 4.29 -15.89
CA TYR E 64 -8.18 5.54 -16.60
C TYR E 64 -9.45 5.52 -17.33
N LEU E 65 -10.05 6.71 -17.49
CA LEU E 65 -11.40 6.82 -17.98
C LEU E 65 -11.51 8.09 -18.69
N LEU E 66 -12.21 8.12 -19.81
CA LEU E 66 -12.59 9.36 -20.40
C LEU E 66 -14.08 9.56 -20.20
N TYR E 67 -14.52 10.70 -19.67
CA TYR E 67 -15.93 11.13 -19.73
C TYR E 67 -16.09 12.27 -20.70
N TYR E 68 -17.23 12.34 -21.37
CA TYR E 68 -17.40 13.29 -22.49
C TYR E 68 -18.85 13.59 -22.84
N THR E 69 -19.18 14.83 -23.20
CA THR E 69 -20.54 15.25 -23.48
C THR E 69 -20.49 16.21 -24.67
N GLU E 70 -21.54 16.25 -25.48
CA GLU E 70 -21.61 17.13 -26.64
C GLU E 70 -22.03 18.50 -26.13
N PHE E 71 -21.40 19.57 -26.60
CA PHE E 71 -21.72 20.90 -26.10
C PHE E 71 -21.34 22.01 -27.05
N THR E 72 -22.06 23.13 -26.88
CA THR E 72 -21.75 24.39 -27.55
C THR E 72 -21.21 25.47 -26.56
N PRO E 73 -19.92 25.81 -26.66
CA PRO E 73 -19.30 26.89 -25.90
C PRO E 73 -19.94 28.23 -26.20
N THR E 74 -20.15 29.02 -25.14
CA THR E 74 -20.65 30.40 -25.25
C THR E 74 -19.84 31.31 -24.33
N GLU E 75 -19.81 32.61 -24.63
CA GLU E 75 -19.21 33.62 -23.73
C GLU E 75 -19.49 33.33 -22.22
N LYS E 76 -20.78 33.20 -21.88
CA LYS E 76 -21.33 33.18 -20.50
C LYS E 76 -20.92 31.92 -19.71
N ASP E 77 -20.88 30.79 -20.40
CA ASP E 77 -20.96 29.50 -19.73
C ASP E 77 -19.64 28.92 -19.25
N GLU E 78 -19.69 28.25 -18.09
CA GLU E 78 -18.53 27.82 -17.36
C GLU E 78 -18.64 26.34 -17.14
N TYR E 79 -17.62 25.62 -17.59
CA TYR E 79 -17.63 24.17 -17.56
C TYR E 79 -16.53 23.70 -16.65
N ALA E 80 -16.76 22.60 -15.99
CA ALA E 80 -15.88 22.10 -14.95
C ALA E 80 -16.12 20.62 -14.86
N CYS E 81 -15.21 19.90 -14.23
CA CYS E 81 -15.29 18.45 -14.01
C CYS E 81 -15.24 18.30 -12.49
N ARG E 82 -16.12 17.49 -11.91
CA ARG E 82 -16.09 17.18 -10.46
C ARG E 82 -15.74 15.66 -10.26
N VAL E 83 -14.68 15.37 -9.48
CA VAL E 83 -14.16 14.05 -9.34
C VAL E 83 -14.20 13.66 -7.89
N ASN E 84 -14.62 12.45 -7.63
CA ASN E 84 -14.56 11.95 -6.27
C ASN E 84 -13.99 10.55 -6.27
N HIS E 85 -13.01 10.33 -5.40
CA HIS E 85 -12.34 9.06 -5.20
C HIS E 85 -12.10 8.94 -3.70
N VAL E 86 -11.76 7.76 -3.25
CA VAL E 86 -11.41 7.53 -1.82
C VAL E 86 -10.08 8.22 -1.38
N THR E 87 -9.19 8.52 -2.33
CA THR E 87 -7.96 9.30 -2.08
C THR E 87 -8.17 10.76 -1.81
N LEU E 88 -9.30 11.32 -2.26
CA LEU E 88 -9.61 12.71 -2.08
C LEU E 88 -10.47 12.97 -0.84
N SER E 89 -10.04 13.92 -0.01
CA SER E 89 -10.71 14.17 1.23
C SER E 89 -11.97 14.99 0.96
N GLN E 90 -12.11 15.50 -0.24
CA GLN E 90 -13.37 16.08 -0.71
C GLN E 90 -13.34 16.24 -2.23
N PRO E 91 -14.50 16.39 -2.86
CA PRO E 91 -14.50 16.44 -4.34
C PRO E 91 -13.61 17.52 -4.89
N LYS E 92 -12.79 17.15 -5.86
CA LYS E 92 -11.93 18.06 -6.58
C LYS E 92 -12.71 18.55 -7.78
N ILE E 93 -12.88 19.85 -7.91
CA ILE E 93 -13.53 20.46 -9.09
C ILE E 93 -12.45 21.10 -9.96
N VAL E 94 -12.32 20.71 -11.21
CA VAL E 94 -11.34 21.32 -12.10
C VAL E 94 -12.03 22.07 -13.23
N LYS E 95 -11.77 23.35 -13.35
CA LYS E 95 -12.43 24.19 -14.35
C LYS E 95 -11.88 24.01 -15.75
N TRP E 96 -12.76 24.18 -16.73
CA TRP E 96 -12.36 24.20 -18.15
C TRP E 96 -11.77 25.53 -18.54
N ASP E 97 -10.46 25.56 -18.78
CA ASP E 97 -9.78 26.68 -19.40
C ASP E 97 -9.70 26.38 -20.89
N ARG E 98 -10.24 27.23 -21.76
CA ARG E 98 -10.12 27.04 -23.23
C ARG E 98 -8.70 26.73 -23.78
N ASP E 99 -7.65 27.23 -23.11
CA ASP E 99 -6.27 27.15 -23.64
C ASP E 99 -5.51 26.03 -22.93
N MET E 100 -6.17 24.92 -22.61
CA MET E 100 -5.64 23.95 -21.63
C MET E 100 -6.38 22.57 -21.67
N LEU F 1 -8.60 -11.97 -30.89
CA LEU F 1 -9.13 -13.22 -30.28
C LEU F 1 -8.54 -13.54 -28.88
N LEU F 2 -9.45 -13.84 -27.97
CA LEU F 2 -9.11 -14.17 -26.57
C LEU F 2 -8.46 -15.56 -26.49
N TRP F 3 -7.70 -15.80 -25.43
CA TRP F 3 -7.12 -17.09 -25.00
C TRP F 3 -8.09 -18.05 -24.32
N ALA F 4 -8.12 -19.33 -24.69
CA ALA F 4 -9.13 -20.21 -24.09
C ALA F 4 -8.65 -20.99 -22.80
N GLY F 5 -7.47 -20.68 -22.26
CA GLY F 5 -6.86 -21.46 -21.17
C GLY F 5 -6.60 -20.79 -19.79
N PRO F 6 -7.33 -19.72 -19.45
CA PRO F 6 -7.06 -19.20 -18.09
C PRO F 6 -7.38 -20.19 -17.01
N MET F 7 -6.48 -20.26 -16.04
CA MET F 7 -6.62 -21.17 -14.96
C MET F 7 -6.61 -20.38 -13.67
N ALA F 8 -7.27 -20.92 -12.62
CA ALA F 8 -7.46 -20.20 -11.36
C ALA F 8 -6.10 -20.06 -10.67
N VAL F 9 -5.97 -19.07 -9.79
CA VAL F 9 -4.80 -18.95 -8.88
C VAL F 9 -4.76 -19.97 -7.73
NA NA G . 7.22 24.91 20.20
C1 EDO H . 9.98 9.39 1.39
O1 EDO H . 10.20 8.85 0.09
C2 EDO H . 11.16 10.18 1.90
O2 EDO H . 10.83 10.94 3.07
C1 EDO I . 4.43 36.99 18.15
O1 EDO I . 5.52 37.69 17.51
C2 EDO I . 4.22 35.60 17.54
O2 EDO I . 4.39 34.61 18.57
S SO4 J . 3.80 7.70 -7.84
O1 SO4 J . 5.01 8.56 -7.97
O2 SO4 J . 3.72 7.07 -6.51
O3 SO4 J . 2.59 8.56 -8.02
O4 SO4 J . 3.89 6.61 -8.85
S SO4 K . 19.50 6.20 -3.89
O1 SO4 K . 19.58 4.85 -4.51
O2 SO4 K . 20.86 6.58 -3.41
O3 SO4 K . 18.52 6.23 -2.72
O4 SO4 K . 19.06 7.10 -4.98
S SO4 L . -10.32 -4.90 7.77
O1 SO4 L . -9.95 -5.04 6.32
O2 SO4 L . -9.06 -4.87 8.56
O3 SO4 L . -11.12 -6.10 8.17
O4 SO4 L . -11.09 -3.63 8.02
S SO4 M . 26.02 -39.92 29.89
O1 SO4 M . 27.21 -39.21 29.34
O2 SO4 M . 26.39 -41.33 30.25
O3 SO4 M . 25.55 -39.19 31.09
O4 SO4 M . 24.93 -39.94 28.88
C1 GOL N . 3.79 -1.59 -1.21
O1 GOL N . 5.07 -1.01 -1.47
C2 GOL N . 3.84 -2.51 0.02
O2 GOL N . 2.73 -3.38 -0.06
C3 GOL N . 3.82 -1.74 1.35
O3 GOL N . 3.58 -2.59 2.48
C1 GOL O . 4.39 -0.33 -10.96
O1 GOL O . 5.31 0.62 -10.39
C2 GOL O . 3.86 -1.30 -9.89
O2 GOL O . 2.51 -0.94 -9.46
C3 GOL O . 3.88 -2.77 -10.35
O3 GOL O . 3.92 -3.64 -9.19
C1 GOL P . -10.21 19.99 20.49
O1 GOL P . -11.17 20.77 21.24
C2 GOL P . -10.79 18.62 20.10
O2 GOL P . -10.48 18.27 18.74
C3 GOL P . -10.24 17.52 21.03
O3 GOL P . -10.87 16.26 20.80
C1 EDO Q . 19.12 -15.67 6.67
O1 EDO Q . 18.37 -16.82 6.31
C2 EDO Q . 20.33 -15.47 5.75
O2 EDO Q . 20.64 -14.07 5.70
C1 EDO R . -1.12 -30.59 5.89
O1 EDO R . -0.96 -31.79 6.65
C2 EDO R . 0.26 -30.01 5.59
O2 EDO R . 0.20 -28.73 4.93
C1 EDO S . 1.34 -13.32 2.42
O1 EDO S . 2.44 -13.79 1.61
C2 EDO S . 1.81 -12.93 3.80
O2 EDO S . 2.18 -14.10 4.56
S SO4 T . -8.05 -18.92 24.58
O1 SO4 T . -8.02 -17.44 24.82
O2 SO4 T . -6.71 -19.49 24.83
O3 SO4 T . -9.07 -19.51 25.49
O4 SO4 T . -8.42 -19.27 23.18
C1 GOL U . 1.51 -6.38 7.97
O1 GOL U . 0.80 -6.41 6.69
C2 GOL U . 1.36 -5.01 8.68
O2 GOL U . 2.43 -4.08 8.32
C3 GOL U . 1.32 -5.03 10.22
O3 GOL U . 0.42 -4.04 10.81
C1 GOL V . 13.41 -29.36 6.21
O1 GOL V . 12.59 -30.18 7.08
C2 GOL V . 14.29 -28.51 7.12
O2 GOL V . 14.79 -27.36 6.41
C3 GOL V . 15.44 -29.34 7.65
O3 GOL V . 16.01 -28.67 8.78
NA NA W . 3.64 -23.29 -16.09
C1 EDO X . -12.19 -10.69 -2.36
O1 EDO X . -10.76 -10.89 -2.59
C2 EDO X . -12.37 -9.58 -1.35
O2 EDO X . -13.56 -9.45 -0.53
C1 EDO Y . -9.73 -1.68 -3.07
O1 EDO Y . -11.11 -1.47 -3.36
C2 EDO Y . -9.18 -2.48 -4.25
O2 EDO Y . -7.76 -2.67 -4.23
S SO4 Z . -22.96 -11.18 -0.65
O1 SO4 Z . -21.74 -10.56 -1.27
O2 SO4 Z . -22.51 -12.25 0.27
O3 SO4 Z . -23.76 -10.20 0.14
O4 SO4 Z . -23.81 -11.80 -1.68
S SO4 AA . 2.49 9.89 -20.75
O1 SO4 AA . 3.68 10.64 -20.24
O2 SO4 AA . 2.87 8.49 -21.12
O3 SO4 AA . 1.44 9.80 -19.70
O4 SO4 AA . 1.86 10.59 -21.89
S SO4 BA . -15.16 -13.69 -1.88
O1 SO4 BA . -15.04 -12.43 -2.68
O2 SO4 BA . -13.97 -13.84 -1.04
O3 SO4 BA . -16.36 -13.62 -1.01
O4 SO4 BA . -15.29 -14.90 -2.74
C1 GOL CA . -1.48 38.13 -24.58
O1 GOL CA . -0.27 37.41 -24.28
C2 GOL CA . -2.68 37.23 -24.94
O2 GOL CA . -2.27 35.99 -25.57
C3 GOL CA . -3.60 36.97 -23.73
O3 GOL CA . -3.18 35.87 -22.91
C1 GOL DA . 18.26 29.00 -29.30
O1 GOL DA . 18.28 28.06 -30.38
C2 GOL DA . 19.35 30.10 -29.30
O2 GOL DA . 19.87 30.19 -27.99
C3 GOL DA . 18.88 31.52 -29.73
O3 GOL DA . 19.89 32.53 -29.55
S SO4 EA . -23.29 10.15 -10.82
O1 SO4 EA . -21.84 10.51 -10.80
O2 SO4 EA . -23.62 9.28 -9.65
O3 SO4 EA . -23.58 9.50 -12.12
O4 SO4 EA . -24.17 11.35 -10.72
S SO4 FA . -28.47 17.67 -19.45
O1 SO4 FA . -28.06 19.03 -19.90
O2 SO4 FA . -28.14 17.57 -18.01
O3 SO4 FA . -29.95 17.41 -19.61
O4 SO4 FA . -27.75 16.64 -20.24
#